data_1JLS
#
_entry.id   1JLS
#
_cell.length_a   71.400
_cell.length_b   111.400
_cell.length_c   71.900
_cell.angle_alpha   90.00
_cell.angle_beta   97.70
_cell.angle_gamma   90.00
#
_symmetry.space_group_name_H-M   'P 1 21 1'
#
loop_
_entity.id
_entity.type
_entity.pdbx_description
1 polymer 'Uracil phosphoribosyltransferase'
2 non-polymer 'PHOSPHATE ION'
3 non-polymer 'MAGNESIUM ION'
4 non-polymer URACIL
5 non-polymer 1-O-pyrophosphono-5-O-phosphono-alpha-D-ribofuranose
6 water water
#
_entity_poly.entity_id   1
_entity_poly.type   'polypeptide(L)'
_entity_poly.pdbx_seq_one_letter_code
;AQVPASGKLLVDPRYSTNDQEESILQDIITRFPNVVLMKQTAQLRAMMTIIRDKETPKEEFVFYADRLIRLLIEEALNEL
PFQKKEVTTPLDVSYHGVSFYSKICGVSIVRAGESMESGLRAVCRGVRIGKILIQRDETTAEPKLIYEKLPADIRERWVM
LLDPMCATAGSVCKAIEVLLRLGVKEERIIFVNILAAPQGIERVFKEYPKVRMVTAAVDICLNSRYYIVPGIGDFGDRYF
GTM
;
_entity_poly.pdbx_strand_id   B,A,D,C
#
loop_
_chem_comp.id
_chem_comp.type
_chem_comp.name
_chem_comp.formula
MG non-polymer 'MAGNESIUM ION' 'Mg 2'
PO4 non-polymer 'PHOSPHATE ION' 'O4 P -3'
PRP D-saccharide 1-O-pyrophosphono-5-O-phosphono-alpha-D-ribofuranose 'C5 H13 O14 P3'
URA non-polymer URACIL 'C4 H4 N2 O2'
#
# COMPACT_ATOMS: atom_id res chain seq x y z
N GLN A 20 1.32 19.70 -35.99
CA GLN A 20 0.46 18.81 -35.15
C GLN A 20 1.08 18.57 -33.77
N GLU A 21 0.76 17.41 -33.18
CA GLU A 21 1.30 17.06 -31.87
C GLU A 21 2.63 16.36 -32.09
N GLU A 22 2.64 15.37 -32.99
CA GLU A 22 3.87 14.64 -33.29
C GLU A 22 4.89 15.62 -33.79
N SER A 23 4.46 16.85 -34.04
CA SER A 23 5.37 17.87 -34.51
C SER A 23 6.11 18.44 -33.29
N ILE A 24 5.35 19.00 -32.34
CA ILE A 24 5.93 19.57 -31.12
C ILE A 24 6.84 18.59 -30.38
N LEU A 25 6.29 17.42 -30.07
CA LEU A 25 7.04 16.40 -29.35
C LEU A 25 8.32 16.00 -30.08
N GLN A 26 8.27 15.91 -31.41
CA GLN A 26 9.44 15.52 -32.19
C GLN A 26 10.56 16.56 -32.10
N ASP A 27 10.16 17.83 -31.99
CA ASP A 27 11.09 18.94 -31.86
C ASP A 27 11.81 18.93 -30.51
N ILE A 28 11.06 19.00 -29.40
CA ILE A 28 11.68 19.01 -28.07
C ILE A 28 12.33 17.69 -27.73
N ILE A 29 12.39 16.79 -28.70
CA ILE A 29 13.04 15.52 -28.45
C ILE A 29 14.41 15.58 -29.13
N THR A 30 14.49 16.35 -30.21
CA THR A 30 15.73 16.47 -30.97
C THR A 30 16.58 17.66 -30.57
N ARG A 31 15.97 18.65 -29.91
CA ARG A 31 16.70 19.83 -29.47
C ARG A 31 16.91 19.83 -27.95
N PHE A 32 16.52 18.73 -27.31
CA PHE A 32 16.62 18.62 -25.86
C PHE A 32 16.82 17.15 -25.50
N PRO A 33 17.96 16.58 -25.89
CA PRO A 33 18.36 15.20 -25.65
C PRO A 33 18.16 14.71 -24.23
N ASN A 34 18.18 15.62 -23.26
CA ASN A 34 18.00 15.19 -21.88
C ASN A 34 16.55 15.05 -21.40
N VAL A 35 15.57 15.17 -22.29
CA VAL A 35 14.19 14.98 -21.83
C VAL A 35 13.85 13.53 -22.10
N VAL A 36 13.19 12.88 -21.15
CA VAL A 36 12.80 11.50 -21.35
C VAL A 36 11.29 11.41 -21.42
N LEU A 37 10.76 11.33 -22.63
CA LEU A 37 9.32 11.25 -22.85
C LEU A 37 8.79 9.82 -22.63
N MET A 38 8.11 9.60 -21.51
CA MET A 38 7.55 8.28 -21.22
C MET A 38 6.87 7.71 -22.46
N LYS A 39 6.98 6.41 -22.67
CA LYS A 39 6.35 5.77 -23.81
C LYS A 39 4.84 5.97 -23.74
N GLN A 40 4.26 6.56 -24.77
CA GLN A 40 2.83 6.80 -24.76
C GLN A 40 2.06 5.51 -24.97
N THR A 41 1.96 4.68 -23.94
CA THR A 41 1.21 3.43 -24.06
C THR A 41 -0.26 3.79 -23.98
N ALA A 42 -1.14 2.94 -24.53
CA ALA A 42 -2.57 3.25 -24.48
C ALA A 42 -2.99 3.48 -23.04
N GLN A 43 -2.61 2.55 -22.17
CA GLN A 43 -2.92 2.62 -20.75
C GLN A 43 -2.42 3.92 -20.15
N LEU A 44 -1.40 4.50 -20.77
CA LEU A 44 -0.88 5.75 -20.28
C LEU A 44 -1.82 6.83 -20.77
N ARG A 45 -2.23 6.72 -22.02
CA ARG A 45 -3.16 7.69 -22.61
C ARG A 45 -4.48 7.63 -21.84
N ALA A 46 -4.82 6.41 -21.42
CA ALA A 46 -6.02 6.14 -20.67
C ALA A 46 -6.06 6.92 -19.37
N MET A 47 -5.01 6.73 -18.58
CA MET A 47 -4.88 7.37 -17.28
C MET A 47 -4.91 8.90 -17.38
N MET A 48 -4.07 9.44 -18.25
CA MET A 48 -3.99 10.86 -18.53
C MET A 48 -5.40 11.40 -18.74
N THR A 49 -6.15 10.71 -19.59
CA THR A 49 -7.50 11.12 -19.87
C THR A 49 -8.30 11.29 -18.58
N ILE A 50 -8.35 10.22 -17.78
CA ILE A 50 -9.10 10.25 -16.54
C ILE A 50 -8.62 11.34 -15.58
N ILE A 51 -7.32 11.52 -15.42
CA ILE A 51 -6.90 12.58 -14.50
C ILE A 51 -7.02 13.98 -15.12
N ARG A 52 -7.51 14.04 -16.36
CA ARG A 52 -7.66 15.29 -17.08
C ARG A 52 -9.12 15.75 -17.14
N ASP A 53 -10.03 14.83 -16.87
CA ASP A 53 -11.45 15.14 -16.90
C ASP A 53 -11.89 16.00 -15.71
N LYS A 54 -12.23 17.26 -16.00
CA LYS A 54 -12.73 18.20 -14.99
C LYS A 54 -13.98 17.59 -14.39
N GLU A 55 -14.34 16.41 -14.88
CA GLU A 55 -15.54 15.71 -14.45
C GLU A 55 -15.35 14.67 -13.36
N THR A 56 -14.14 14.10 -13.27
CA THR A 56 -13.92 13.07 -12.29
C THR A 56 -13.75 13.55 -10.84
N PRO A 57 -14.18 12.71 -9.87
CA PRO A 57 -14.11 12.96 -8.43
C PRO A 57 -12.72 12.90 -7.79
N LYS A 58 -12.58 13.50 -6.61
CA LYS A 58 -11.31 13.52 -5.89
C LYS A 58 -10.61 12.15 -5.83
N GLU A 59 -11.29 11.17 -5.22
CA GLU A 59 -10.76 9.83 -5.05
C GLU A 59 -10.27 9.14 -6.32
N GLU A 60 -10.97 9.38 -7.44
CA GLU A 60 -10.56 8.77 -8.69
C GLU A 60 -9.31 9.45 -9.23
N PHE A 61 -9.19 10.74 -8.95
CA PHE A 61 -8.06 11.54 -9.40
C PHE A 61 -6.76 11.15 -8.68
N VAL A 62 -6.88 10.88 -7.39
CA VAL A 62 -5.71 10.50 -6.63
C VAL A 62 -5.33 9.09 -7.03
N PHE A 63 -6.31 8.22 -7.14
CA PHE A 63 -5.97 6.85 -7.49
C PHE A 63 -5.18 6.74 -8.78
N TYR A 64 -5.65 7.42 -9.82
CA TYR A 64 -4.96 7.38 -11.11
C TYR A 64 -3.69 8.22 -11.12
N ALA A 65 -3.67 9.31 -10.36
CA ALA A 65 -2.47 10.12 -10.29
C ALA A 65 -1.33 9.25 -9.72
N ASP A 66 -1.56 8.68 -8.53
CA ASP A 66 -0.62 7.80 -7.83
C ASP A 66 -0.07 6.65 -8.66
N ARG A 67 -0.99 6.04 -9.38
CA ARG A 67 -0.67 4.95 -10.25
C ARG A 67 0.27 5.45 -11.34
N LEU A 68 0.00 6.66 -11.86
CA LEU A 68 0.84 7.27 -12.91
C LEU A 68 2.18 7.61 -12.30
N ILE A 69 2.14 8.36 -11.20
CA ILE A 69 3.37 8.76 -10.53
C ILE A 69 4.30 7.56 -10.40
N ARG A 70 3.86 6.52 -9.69
CA ARG A 70 4.69 5.34 -9.48
C ARG A 70 5.35 4.89 -10.76
N LEU A 71 4.59 4.83 -11.85
CA LEU A 71 5.15 4.45 -13.14
C LEU A 71 6.24 5.46 -13.52
N LEU A 72 5.94 6.74 -13.34
CA LEU A 72 6.89 7.83 -13.64
C LEU A 72 8.26 7.64 -12.96
N ILE A 73 8.22 7.48 -11.64
CA ILE A 73 9.40 7.27 -10.79
C ILE A 73 10.19 6.04 -11.24
N GLU A 74 9.47 4.98 -11.60
CA GLU A 74 10.13 3.74 -12.03
C GLU A 74 10.88 3.91 -13.33
N GLU A 75 10.56 4.96 -14.07
CA GLU A 75 11.24 5.23 -15.32
C GLU A 75 12.42 6.14 -15.03
N ALA A 76 12.23 7.04 -14.08
CA ALA A 76 13.31 7.98 -13.75
C ALA A 76 14.49 7.28 -13.10
N LEU A 77 14.24 6.27 -12.26
CA LEU A 77 15.33 5.52 -11.62
C LEU A 77 16.32 4.94 -12.63
N ASN A 78 15.94 4.87 -13.91
CA ASN A 78 16.86 4.32 -14.92
C ASN A 78 17.81 5.37 -15.46
N GLU A 79 17.79 6.56 -14.85
CA GLU A 79 18.68 7.63 -15.24
C GLU A 79 19.85 7.58 -14.28
N LEU A 80 19.80 6.61 -13.38
CA LEU A 80 20.86 6.43 -12.39
C LEU A 80 21.98 5.58 -12.97
N PRO A 81 23.14 5.57 -12.31
CA PRO A 81 24.25 4.76 -12.84
C PRO A 81 24.28 3.40 -12.12
N PHE A 82 24.50 2.34 -12.88
CA PHE A 82 24.58 0.99 -12.32
C PHE A 82 25.96 0.40 -12.54
N GLN A 83 26.14 -0.83 -12.07
CA GLN A 83 27.41 -1.54 -12.20
C GLN A 83 27.19 -3.03 -12.29
N LYS A 84 27.81 -3.64 -13.31
CA LYS A 84 27.71 -5.07 -13.53
C LYS A 84 27.95 -5.82 -12.22
N LYS A 85 27.13 -6.84 -11.97
CA LYS A 85 27.26 -7.65 -10.76
C LYS A 85 26.81 -9.08 -10.99
N GLU A 86 27.53 -10.03 -10.42
CA GLU A 86 27.16 -11.43 -10.59
C GLU A 86 26.51 -11.93 -9.32
N VAL A 87 25.67 -12.94 -9.49
CA VAL A 87 25.00 -13.54 -8.36
C VAL A 87 24.91 -15.02 -8.68
N THR A 88 24.60 -15.81 -7.67
CA THR A 88 24.48 -17.23 -7.89
C THR A 88 23.04 -17.68 -7.58
N THR A 89 22.43 -18.35 -8.55
CA THR A 89 21.04 -18.86 -8.49
C THR A 89 20.91 -20.11 -7.63
N PRO A 90 19.78 -20.25 -6.92
CA PRO A 90 19.57 -21.42 -6.07
C PRO A 90 19.88 -22.71 -6.81
N LEU A 91 19.88 -22.62 -8.14
CA LEU A 91 20.17 -23.75 -9.03
C LEU A 91 21.70 -23.85 -9.12
N ASP A 92 22.36 -23.25 -8.14
CA ASP A 92 23.81 -23.25 -8.06
C ASP A 92 24.49 -22.94 -9.38
N VAL A 93 24.25 -21.74 -9.89
CA VAL A 93 24.86 -21.28 -11.13
C VAL A 93 24.75 -19.76 -11.18
N SER A 94 25.75 -19.10 -11.77
CA SER A 94 25.80 -17.65 -11.83
C SER A 94 24.89 -16.94 -12.82
N TYR A 95 24.64 -15.67 -12.51
CA TYR A 95 23.82 -14.79 -13.33
C TYR A 95 24.55 -13.45 -13.43
N HIS A 96 24.65 -12.92 -14.65
CA HIS A 96 25.32 -11.65 -14.91
C HIS A 96 24.38 -10.46 -14.84
N GLY A 97 24.18 -9.93 -13.64
CA GLY A 97 23.27 -8.81 -13.47
C GLY A 97 23.86 -7.42 -13.36
N VAL A 98 23.06 -6.48 -12.87
CA VAL A 98 23.51 -5.10 -12.70
C VAL A 98 23.12 -4.66 -11.31
N SER A 99 23.68 -3.56 -10.84
CA SER A 99 23.34 -3.09 -9.50
C SER A 99 23.32 -1.59 -9.38
N PHE A 100 22.56 -1.10 -8.41
CA PHE A 100 22.49 0.34 -8.22
C PHE A 100 22.97 0.83 -6.85
N TYR A 101 23.83 1.84 -6.89
CA TYR A 101 24.39 2.45 -5.69
C TYR A 101 24.13 3.94 -5.74
N SER A 102 25.19 4.73 -5.71
CA SER A 102 25.08 6.18 -5.76
C SER A 102 23.86 6.65 -4.98
N LYS A 103 24.02 6.90 -3.69
CA LYS A 103 22.91 7.32 -2.85
C LYS A 103 22.09 8.42 -3.48
N ILE A 104 20.82 8.45 -3.10
CA ILE A 104 19.92 9.41 -3.67
C ILE A 104 18.91 9.95 -2.68
N CYS A 105 18.33 11.08 -3.00
CA CYS A 105 17.32 11.66 -2.15
C CYS A 105 16.27 12.22 -3.09
N GLY A 106 15.17 12.69 -2.52
CA GLY A 106 14.10 13.28 -3.30
C GLY A 106 13.81 14.65 -2.72
N VAL A 107 13.68 15.65 -3.60
CA VAL A 107 13.40 17.04 -3.19
C VAL A 107 12.08 17.53 -3.79
N SER A 108 11.02 17.49 -3.00
CA SER A 108 9.71 17.89 -3.49
C SER A 108 9.29 19.36 -3.29
N ILE A 109 9.00 20.07 -4.39
CA ILE A 109 8.57 21.45 -4.27
C ILE A 109 7.19 21.46 -3.57
N VAL A 110 7.12 22.12 -2.40
CA VAL A 110 5.92 22.12 -1.55
C VAL A 110 4.54 22.14 -2.17
N ARG A 111 3.80 21.10 -1.81
CA ARG A 111 2.45 20.84 -2.26
C ARG A 111 2.45 20.02 -3.54
N ALA A 112 2.45 20.66 -4.69
CA ALA A 112 2.40 19.87 -5.92
C ALA A 112 3.39 18.72 -5.96
N GLY A 113 4.66 18.98 -5.64
CA GLY A 113 5.65 17.91 -5.68
C GLY A 113 5.44 16.80 -4.67
N GLU A 114 4.87 17.15 -3.52
CA GLU A 114 4.61 16.22 -2.40
C GLU A 114 3.77 15.02 -2.79
N SER A 115 2.88 15.21 -3.77
CA SER A 115 2.01 14.17 -4.27
C SER A 115 2.81 12.94 -4.69
N MET A 116 3.90 13.17 -5.43
CA MET A 116 4.77 12.09 -5.90
C MET A 116 5.66 11.47 -4.83
N GLU A 117 5.79 12.12 -3.66
CA GLU A 117 6.62 11.60 -2.57
C GLU A 117 6.34 10.12 -2.25
N SER A 118 5.13 9.83 -1.77
CA SER A 118 4.79 8.45 -1.41
C SER A 118 5.11 7.50 -2.55
N GLY A 119 4.98 7.98 -3.79
CA GLY A 119 5.27 7.16 -4.94
C GLY A 119 6.73 6.76 -4.92
N LEU A 120 7.59 7.71 -4.55
CA LEU A 120 9.02 7.47 -4.47
C LEU A 120 9.37 6.55 -3.32
N ARG A 121 8.60 6.61 -2.24
CA ARG A 121 8.89 5.76 -1.11
C ARG A 121 8.26 4.40 -1.23
N ALA A 122 7.53 4.21 -2.32
CA ALA A 122 6.85 2.96 -2.57
C ALA A 122 7.80 2.03 -3.29
N VAL A 123 8.78 2.61 -3.99
CA VAL A 123 9.79 1.83 -4.72
C VAL A 123 11.16 1.89 -4.04
N CYS A 124 11.51 3.07 -3.53
CA CYS A 124 12.77 3.30 -2.85
C CYS A 124 12.55 3.50 -1.36
N ARG A 125 12.31 2.40 -0.65
CA ARG A 125 12.05 2.41 0.79
C ARG A 125 13.04 3.20 1.65
N GLY A 126 12.51 3.88 2.66
CA GLY A 126 13.34 4.67 3.56
C GLY A 126 14.03 5.88 2.94
N VAL A 127 13.92 6.05 1.63
CA VAL A 127 14.58 7.18 0.97
C VAL A 127 14.37 8.51 1.69
N ARG A 128 15.38 9.36 1.64
CA ARG A 128 15.31 10.67 2.28
C ARG A 128 14.58 11.67 1.39
N ILE A 129 13.88 12.61 2.00
CA ILE A 129 13.13 13.63 1.26
C ILE A 129 13.35 15.04 1.83
N GLY A 130 13.72 15.97 0.95
CA GLY A 130 13.92 17.35 1.36
C GLY A 130 12.87 18.21 0.66
N LYS A 131 12.24 19.13 1.39
CA LYS A 131 11.21 20.00 0.81
C LYS A 131 11.71 21.41 0.48
N ILE A 132 11.17 22.01 -0.58
CA ILE A 132 11.52 23.39 -0.96
C ILE A 132 10.24 24.15 -1.29
N LEU A 133 9.97 25.21 -0.55
CA LEU A 133 8.78 26.02 -0.75
C LEU A 133 9.09 27.32 -1.50
N ILE A 134 9.08 27.27 -2.82
CA ILE A 134 9.34 28.47 -3.62
C ILE A 134 8.02 29.18 -3.85
N GLN A 135 8.06 30.49 -4.05
CA GLN A 135 6.83 31.23 -4.29
C GLN A 135 7.10 32.56 -4.97
N ARG A 136 6.25 32.91 -5.94
CA ARG A 136 6.42 34.17 -6.67
C ARG A 136 6.28 35.34 -5.69
N ASP A 137 6.82 36.48 -6.07
CA ASP A 137 6.78 37.66 -5.21
C ASP A 137 5.43 38.37 -5.28
N GLU A 138 5.19 39.25 -4.31
CA GLU A 138 3.96 40.00 -4.23
C GLU A 138 3.75 40.80 -5.51
N THR A 139 4.68 41.72 -5.78
CA THR A 139 4.62 42.57 -6.97
C THR A 139 5.63 42.19 -8.04
N THR A 140 6.88 41.95 -7.62
CA THR A 140 7.93 41.59 -8.57
C THR A 140 7.47 40.39 -9.37
N ALA A 141 6.76 39.48 -8.70
CA ALA A 141 6.21 38.29 -9.33
C ALA A 141 7.21 37.20 -9.73
N GLU A 142 8.47 37.34 -9.33
CA GLU A 142 9.48 36.33 -9.66
C GLU A 142 9.63 35.34 -8.50
N PRO A 143 10.10 34.11 -8.79
CA PRO A 143 10.26 33.11 -7.73
C PRO A 143 11.10 33.60 -6.56
N LYS A 144 10.93 32.96 -5.42
CA LYS A 144 11.67 33.30 -4.20
C LYS A 144 11.57 32.14 -3.20
N LEU A 145 12.65 31.90 -2.48
CA LEU A 145 12.73 30.84 -1.49
C LEU A 145 12.03 31.30 -0.21
N ILE A 146 11.28 30.41 0.44
CA ILE A 146 10.58 30.76 1.67
C ILE A 146 10.87 29.78 2.78
N TYR A 147 10.95 28.52 2.43
CA TYR A 147 11.25 27.51 3.41
C TYR A 147 11.91 26.34 2.74
N GLU A 148 12.80 25.68 3.46
CA GLU A 148 13.49 24.51 2.92
C GLU A 148 14.19 23.68 3.99
N LYS A 149 14.09 22.37 3.84
CA LYS A 149 14.71 21.39 4.74
C LYS A 149 15.19 20.20 3.91
N LEU A 150 16.46 20.24 3.51
CA LEU A 150 17.05 19.18 2.68
C LEU A 150 18.06 18.37 3.47
N PRO A 151 18.49 17.22 2.92
CA PRO A 151 19.48 16.38 3.61
C PRO A 151 20.84 17.12 3.68
N ALA A 152 21.46 17.13 4.86
CA ALA A 152 22.73 17.83 5.04
C ALA A 152 23.85 17.24 4.20
N ASP A 153 23.57 16.08 3.66
CA ASP A 153 24.50 15.31 2.87
C ASP A 153 24.26 15.48 1.36
N ILE A 154 23.16 16.15 1.04
CA ILE A 154 22.70 16.39 -0.33
C ILE A 154 23.69 16.71 -1.44
N ARG A 155 24.89 17.14 -1.08
CA ARG A 155 25.89 17.48 -2.10
C ARG A 155 26.58 16.28 -2.72
N GLU A 156 26.60 15.18 -1.99
CA GLU A 156 27.24 13.95 -2.46
C GLU A 156 26.25 12.89 -2.95
N ARG A 157 25.03 13.29 -3.28
CA ARG A 157 24.02 12.35 -3.76
C ARG A 157 23.23 12.83 -4.97
N TRP A 158 22.58 11.89 -5.66
CA TRP A 158 21.75 12.18 -6.82
C TRP A 158 20.43 12.73 -6.36
N VAL A 159 19.88 13.71 -7.08
CA VAL A 159 18.60 14.28 -6.67
C VAL A 159 17.38 14.16 -7.61
N MET A 160 16.36 13.45 -7.12
CA MET A 160 15.10 13.26 -7.82
C MET A 160 14.22 14.46 -7.40
N LEU A 161 14.22 15.49 -8.24
CA LEU A 161 13.45 16.70 -8.01
C LEU A 161 12.03 16.39 -8.40
N LEU A 162 11.10 16.68 -7.49
CA LEU A 162 9.69 16.38 -7.71
C LEU A 162 8.76 17.56 -7.93
N ASP A 163 8.21 17.67 -9.13
CA ASP A 163 7.27 18.74 -9.43
C ASP A 163 6.48 18.22 -10.62
N PRO A 164 5.19 17.95 -10.43
CA PRO A 164 4.34 17.44 -11.51
C PRO A 164 4.17 18.33 -12.73
N MET A 165 4.22 19.65 -12.55
CA MET A 165 3.99 20.55 -13.67
C MET A 165 5.21 21.33 -14.07
N CYS A 166 5.29 21.70 -15.34
CA CYS A 166 6.42 22.47 -15.79
C CYS A 166 5.87 23.57 -16.67
N ALA A 167 5.24 24.57 -16.08
CA ALA A 167 4.68 25.60 -16.93
C ALA A 167 5.71 26.48 -17.58
N THR A 168 6.07 27.54 -16.89
CA THR A 168 7.05 28.51 -17.36
C THR A 168 8.43 28.11 -16.83
N ALA A 169 8.43 27.27 -15.80
CA ALA A 169 9.65 26.78 -15.17
C ALA A 169 10.33 27.79 -14.24
N GLY A 170 9.58 28.76 -13.73
CA GLY A 170 10.15 29.74 -12.83
C GLY A 170 10.48 29.10 -11.49
N SER A 171 9.57 28.27 -10.99
CA SER A 171 9.75 27.61 -9.69
C SER A 171 10.80 26.50 -9.73
N VAL A 172 10.75 25.65 -10.74
CA VAL A 172 11.70 24.55 -10.85
C VAL A 172 13.12 25.06 -11.01
N CYS A 173 13.26 26.19 -11.70
CA CYS A 173 14.59 26.77 -11.91
C CYS A 173 15.11 27.39 -10.61
N LYS A 174 14.20 28.01 -9.86
CA LYS A 174 14.56 28.58 -8.58
C LYS A 174 14.87 27.43 -7.61
N ALA A 175 14.46 26.22 -7.96
CA ALA A 175 14.74 25.06 -7.11
C ALA A 175 16.15 24.62 -7.45
N ILE A 176 16.39 24.29 -8.72
CA ILE A 176 17.72 23.87 -9.15
C ILE A 176 18.76 24.85 -8.58
N GLU A 177 18.47 26.15 -8.64
CA GLU A 177 19.39 27.15 -8.12
C GLU A 177 19.84 26.85 -6.68
N VAL A 178 18.90 26.75 -5.72
CA VAL A 178 19.32 26.48 -4.34
C VAL A 178 20.11 25.19 -4.17
N LEU A 179 19.85 24.19 -5.02
CA LEU A 179 20.56 22.91 -4.94
C LEU A 179 22.05 23.08 -5.35
N LEU A 180 22.30 23.97 -6.30
CA LEU A 180 23.64 24.28 -6.78
C LEU A 180 24.40 25.07 -5.70
N ARG A 181 23.71 26.01 -5.08
CA ARG A 181 24.29 26.80 -4.02
C ARG A 181 24.66 25.88 -2.87
N LEU A 182 24.14 24.66 -2.88
CA LEU A 182 24.47 23.71 -1.82
C LEU A 182 25.49 22.66 -2.28
N GLY A 183 25.98 22.80 -3.51
CA GLY A 183 26.99 21.88 -4.01
C GLY A 183 26.49 20.64 -4.74
N VAL A 184 25.26 20.70 -5.23
CA VAL A 184 24.67 19.58 -5.97
C VAL A 184 25.16 19.67 -7.41
N LYS A 185 25.56 18.56 -7.99
CA LYS A 185 26.04 18.59 -9.37
C LYS A 185 24.83 18.69 -10.31
N GLU A 186 24.84 19.63 -11.26
CA GLU A 186 23.69 19.72 -12.15
C GLU A 186 23.67 18.67 -13.25
N GLU A 187 23.98 17.44 -12.88
CA GLU A 187 23.98 16.33 -13.81
C GLU A 187 23.57 15.14 -12.96
N ARG A 188 23.46 15.38 -11.65
CA ARG A 188 23.04 14.35 -10.72
C ARG A 188 21.65 14.78 -10.29
N ILE A 189 21.02 15.57 -11.14
CA ILE A 189 19.68 16.09 -10.93
C ILE A 189 18.72 15.49 -11.96
N ILE A 190 17.80 14.64 -11.48
CA ILE A 190 16.80 13.99 -12.34
C ILE A 190 15.45 14.66 -12.09
N PHE A 191 15.01 15.48 -13.03
CA PHE A 191 13.73 16.18 -12.88
C PHE A 191 12.54 15.26 -13.25
N VAL A 192 11.75 14.85 -12.25
CA VAL A 192 10.60 13.97 -12.51
C VAL A 192 9.34 14.80 -12.65
N ASN A 193 8.72 14.72 -13.82
CA ASN A 193 7.53 15.51 -14.09
C ASN A 193 6.50 14.78 -14.95
N ILE A 194 5.23 15.12 -14.74
CA ILE A 194 4.10 14.50 -15.44
C ILE A 194 3.70 15.15 -16.76
N LEU A 195 3.31 16.43 -16.69
CA LEU A 195 2.88 17.19 -17.86
C LEU A 195 3.71 18.47 -17.89
N ALA A 196 4.08 18.96 -19.07
CA ALA A 196 4.87 20.19 -19.09
C ALA A 196 4.67 20.98 -20.36
N ALA A 197 5.08 22.24 -20.34
CA ALA A 197 4.94 23.07 -21.53
C ALA A 197 6.28 23.30 -22.26
N PRO A 198 6.28 23.27 -23.62
CA PRO A 198 7.52 23.47 -24.37
C PRO A 198 8.40 24.63 -23.91
N GLN A 199 7.78 25.75 -23.55
CA GLN A 199 8.57 26.89 -23.10
C GLN A 199 9.06 26.68 -21.68
N GLY A 200 8.44 25.73 -20.97
CA GLY A 200 8.85 25.40 -19.62
C GLY A 200 10.11 24.54 -19.73
N ILE A 201 10.14 23.70 -20.76
CA ILE A 201 11.29 22.82 -21.04
C ILE A 201 12.46 23.70 -21.49
N GLU A 202 12.18 24.52 -22.50
CA GLU A 202 13.13 25.46 -23.09
C GLU A 202 13.87 26.21 -21.98
N ARG A 203 13.12 26.66 -20.99
CA ARG A 203 13.66 27.40 -19.85
C ARG A 203 14.64 26.63 -18.98
N VAL A 204 14.28 25.42 -18.56
CA VAL A 204 15.20 24.65 -17.71
C VAL A 204 16.44 24.22 -18.51
N PHE A 205 16.27 23.93 -19.80
CA PHE A 205 17.41 23.51 -20.63
C PHE A 205 18.20 24.68 -21.22
N LYS A 206 18.03 25.85 -20.64
CA LYS A 206 18.77 27.03 -21.08
C LYS A 206 19.68 27.37 -19.90
N GLU A 207 19.06 27.52 -18.73
CA GLU A 207 19.77 27.83 -17.49
C GLU A 207 20.61 26.64 -17.04
N TYR A 208 20.05 25.44 -17.11
CA TYR A 208 20.77 24.24 -16.67
C TYR A 208 20.71 23.07 -17.64
N PRO A 209 21.58 23.09 -18.67
CA PRO A 209 21.68 22.08 -19.73
C PRO A 209 22.05 20.65 -19.35
N LYS A 210 22.61 20.43 -18.17
CA LYS A 210 22.99 19.06 -17.83
C LYS A 210 22.01 18.28 -16.95
N VAL A 211 20.88 18.88 -16.59
CA VAL A 211 19.88 18.19 -15.77
C VAL A 211 19.00 17.31 -16.66
N ARG A 212 18.72 16.08 -16.24
CA ARG A 212 17.88 15.18 -17.02
C ARG A 212 16.44 15.45 -16.62
N MET A 213 15.52 15.28 -17.56
CA MET A 213 14.10 15.48 -17.29
C MET A 213 13.25 14.37 -17.88
N VAL A 214 12.69 13.51 -17.03
CA VAL A 214 11.82 12.45 -17.51
C VAL A 214 10.38 12.91 -17.21
N THR A 215 9.56 12.95 -18.27
CA THR A 215 8.17 13.41 -18.18
C THR A 215 7.21 12.44 -18.87
N ALA A 216 5.91 12.62 -18.65
CA ALA A 216 4.92 11.73 -19.26
C ALA A 216 4.04 12.41 -20.30
N ALA A 217 4.10 13.75 -20.36
CA ALA A 217 3.26 14.47 -21.31
C ALA A 217 3.80 15.86 -21.59
N VAL A 218 3.69 16.27 -22.85
CA VAL A 218 4.17 17.57 -23.28
C VAL A 218 3.11 18.22 -24.14
N ASP A 219 2.32 19.13 -23.57
CA ASP A 219 1.26 19.80 -24.33
C ASP A 219 1.76 20.83 -25.35
N ILE A 220 0.84 21.65 -25.85
CA ILE A 220 1.20 22.62 -26.87
C ILE A 220 1.59 23.99 -26.39
N CYS A 221 0.81 24.56 -25.47
CA CYS A 221 1.15 25.89 -25.00
C CYS A 221 0.64 26.22 -23.61
N LEU A 222 0.85 27.48 -23.22
CA LEU A 222 0.46 28.01 -21.92
C LEU A 222 -0.44 29.23 -22.11
N ASN A 223 -1.42 29.42 -21.23
CA ASN A 223 -2.33 30.56 -21.36
C ASN A 223 -1.95 31.78 -20.50
N SER A 224 -2.84 32.78 -20.46
CA SER A 224 -2.61 34.01 -19.70
C SER A 224 -2.44 33.79 -18.20
N ARG A 225 -3.07 32.75 -17.67
CA ARG A 225 -2.98 32.46 -16.23
C ARG A 225 -1.72 31.64 -15.97
N TYR A 226 -1.07 31.23 -17.05
CA TYR A 226 0.14 30.42 -17.01
C TYR A 226 -0.20 28.98 -16.64
N TYR A 227 -1.16 28.42 -17.36
CA TYR A 227 -1.62 27.05 -17.19
C TYR A 227 -1.40 26.37 -18.53
N ILE A 228 -0.99 25.10 -18.48
CA ILE A 228 -0.78 24.32 -19.69
C ILE A 228 -2.19 24.18 -20.26
N VAL A 229 -2.42 24.68 -21.48
CA VAL A 229 -3.75 24.69 -22.09
C VAL A 229 -4.48 23.37 -22.18
N PRO A 230 -3.92 22.36 -22.84
CA PRO A 230 -4.93 21.31 -22.64
C PRO A 230 -4.83 21.07 -21.12
N GLY A 231 -3.61 20.78 -20.68
CA GLY A 231 -3.33 20.57 -19.27
C GLY A 231 -4.30 19.79 -18.42
N ILE A 232 -4.34 20.12 -17.13
CA ILE A 232 -5.21 19.44 -16.19
C ILE A 232 -5.68 20.38 -15.05
N GLY A 233 -5.43 21.68 -15.20
CA GLY A 233 -5.84 22.62 -14.19
C GLY A 233 -4.78 22.81 -13.12
N ASP A 234 -5.20 22.89 -11.86
CA ASP A 234 -4.25 23.04 -10.76
C ASP A 234 -4.06 21.67 -10.12
N PHE A 235 -2.97 21.01 -10.48
CA PHE A 235 -2.67 19.68 -9.97
C PHE A 235 -2.83 19.54 -8.48
N GLY A 236 -2.10 20.35 -7.71
CA GLY A 236 -2.17 20.26 -6.27
C GLY A 236 -3.56 20.48 -5.75
N ASP A 237 -4.14 21.59 -6.18
CA ASP A 237 -5.48 21.99 -5.80
C ASP A 237 -6.39 20.76 -5.85
N ARG A 238 -6.28 20.02 -6.95
CA ARG A 238 -7.06 18.81 -7.19
C ARG A 238 -6.56 17.58 -6.41
N TYR A 239 -5.25 17.51 -6.15
CA TYR A 239 -4.69 16.38 -5.44
C TYR A 239 -4.99 16.43 -3.94
N PHE A 240 -5.03 17.63 -3.36
CA PHE A 240 -5.34 17.68 -1.95
C PHE A 240 -6.81 18.02 -1.76
N GLY A 241 -7.46 18.42 -2.85
CA GLY A 241 -8.87 18.77 -2.79
C GLY A 241 -9.08 20.09 -2.08
N THR A 242 -8.27 21.09 -2.43
CA THR A 242 -8.38 22.40 -1.80
C THR A 242 -8.89 23.45 -2.77
N MET A 243 -9.80 23.05 -3.65
CA MET A 243 -10.35 23.99 -4.62
C MET A 243 -11.85 24.16 -4.46
N GLN B 20 6.82 7.23 38.63
CA GLN B 20 6.98 6.42 37.38
C GLN B 20 6.15 6.99 36.22
N GLU B 21 5.79 6.11 35.28
CA GLU B 21 5.03 6.51 34.10
C GLU B 21 3.53 6.55 34.37
N GLU B 22 3.05 5.55 35.10
CA GLU B 22 1.64 5.42 35.45
C GLU B 22 1.08 6.69 36.08
N SER B 23 1.81 7.23 37.04
CA SER B 23 1.37 8.44 37.72
C SER B 23 1.03 9.55 36.73
N ILE B 24 1.94 9.83 35.81
CA ILE B 24 1.72 10.87 34.82
C ILE B 24 0.47 10.61 34.01
N LEU B 25 0.40 9.42 33.39
CA LEU B 25 -0.77 9.08 32.58
C LEU B 25 -2.07 9.33 33.34
N GLN B 26 -2.24 8.63 34.45
CA GLN B 26 -3.45 8.73 35.26
C GLN B 26 -3.88 10.16 35.55
N ASP B 27 -2.92 11.02 35.85
CA ASP B 27 -3.23 12.42 36.15
C ASP B 27 -3.87 13.16 34.98
N ILE B 28 -3.29 13.11 33.78
CA ILE B 28 -3.93 13.84 32.68
C ILE B 28 -5.28 13.25 32.32
N ILE B 29 -5.44 11.96 32.54
CA ILE B 29 -6.71 11.29 32.25
C ILE B 29 -7.76 11.85 33.21
N THR B 30 -7.37 11.99 34.48
CA THR B 30 -8.28 12.50 35.49
C THR B 30 -8.47 14.01 35.38
N ARG B 31 -7.46 14.70 34.90
CA ARG B 31 -7.52 16.15 34.80
C ARG B 31 -7.91 16.69 33.43
N PHE B 32 -8.12 15.80 32.47
CA PHE B 32 -8.50 16.27 31.15
C PHE B 32 -9.43 15.29 30.44
N PRO B 33 -10.75 15.54 30.51
CA PRO B 33 -11.75 14.69 29.89
C PRO B 33 -11.68 14.53 28.37
N ASN B 34 -11.39 15.62 27.65
CA ASN B 34 -11.30 15.58 26.19
C ASN B 34 -10.04 14.98 25.62
N VAL B 35 -9.21 14.39 26.46
CA VAL B 35 -7.99 13.83 25.91
C VAL B 35 -8.17 12.33 25.92
N VAL B 36 -7.83 11.70 24.80
CA VAL B 36 -7.97 10.27 24.69
C VAL B 36 -6.62 9.58 24.61
N LEU B 37 -6.37 8.68 25.55
CA LEU B 37 -5.12 7.93 25.55
C LEU B 37 -5.39 6.57 24.94
N MET B 38 -4.53 6.13 24.02
CA MET B 38 -4.74 4.82 23.42
C MET B 38 -4.41 3.76 24.45
N LYS B 39 -4.95 2.55 24.27
CA LYS B 39 -4.69 1.47 25.21
C LYS B 39 -3.21 1.13 25.07
N GLN B 40 -2.48 1.14 26.18
CA GLN B 40 -1.06 0.84 26.13
C GLN B 40 -0.84 -0.66 25.94
N THR B 41 -1.19 -1.18 24.77
CA THR B 41 -1.01 -2.59 24.49
C THR B 41 0.47 -2.87 24.31
N ALA B 42 0.90 -4.08 24.64
CA ALA B 42 2.31 -4.42 24.48
C ALA B 42 2.83 -4.02 23.09
N GLN B 43 2.13 -4.49 22.05
CA GLN B 43 2.47 -4.25 20.65
C GLN B 43 2.59 -2.75 20.33
N LEU B 44 2.12 -1.90 21.24
CA LEU B 44 2.25 -0.48 21.01
C LEU B 44 3.57 -0.10 21.67
N ARG B 45 3.78 -0.55 22.91
CA ARG B 45 5.03 -0.26 23.63
C ARG B 45 6.18 -0.62 22.72
N ALA B 46 6.06 -1.81 22.16
CA ALA B 46 7.03 -2.35 21.25
C ALA B 46 7.32 -1.35 20.13
N MET B 47 6.28 -0.99 19.38
CA MET B 47 6.44 -0.04 18.28
C MET B 47 7.18 1.19 18.79
N MET B 48 6.75 1.73 19.93
CA MET B 48 7.38 2.91 20.53
C MET B 48 8.88 2.75 20.78
N THR B 49 9.26 1.65 21.44
CA THR B 49 10.69 1.47 21.72
C THR B 49 11.44 1.51 20.40
N ILE B 50 10.96 0.77 19.41
CA ILE B 50 11.59 0.74 18.10
C ILE B 50 11.77 2.12 17.48
N ILE B 51 10.89 3.06 17.78
CA ILE B 51 11.05 4.38 17.18
C ILE B 51 11.76 5.38 18.10
N ARG B 52 11.74 5.15 19.41
CA ARG B 52 12.40 6.04 20.35
C ARG B 52 13.88 5.68 20.35
N ASP B 53 14.18 4.41 20.09
CA ASP B 53 15.57 3.94 20.07
C ASP B 53 16.32 4.68 18.97
N LYS B 54 17.48 5.23 19.31
CA LYS B 54 18.28 5.98 18.34
C LYS B 54 19.08 5.12 17.39
N GLU B 55 19.11 3.82 17.66
CA GLU B 55 19.85 2.87 16.83
C GLU B 55 19.17 2.55 15.51
N THR B 56 17.92 2.11 15.59
CA THR B 56 17.16 1.77 14.40
C THR B 56 17.43 2.71 13.21
N PRO B 57 17.50 2.14 11.98
CA PRO B 57 17.75 2.79 10.68
C PRO B 57 16.55 3.60 10.27
N LYS B 58 16.71 4.40 9.23
CA LYS B 58 15.62 5.22 8.74
C LYS B 58 14.48 4.37 8.17
N GLU B 59 14.85 3.25 7.55
CA GLU B 59 13.87 2.33 6.96
C GLU B 59 12.89 1.81 8.02
N GLU B 60 13.42 1.42 9.16
CA GLU B 60 12.57 0.87 10.22
C GLU B 60 11.74 1.92 10.94
N PHE B 61 12.28 3.12 11.02
CA PHE B 61 11.59 4.20 11.70
C PHE B 61 10.30 4.54 10.99
N VAL B 62 10.38 4.77 9.69
CA VAL B 62 9.16 5.11 8.98
C VAL B 62 8.14 3.98 8.94
N PHE B 63 8.61 2.74 8.88
CA PHE B 63 7.68 1.64 8.84
C PHE B 63 6.86 1.57 10.11
N TYR B 64 7.54 1.44 11.23
CA TYR B 64 6.85 1.37 12.51
C TYR B 64 6.10 2.68 12.83
N ALA B 65 6.51 3.78 12.21
CA ALA B 65 5.89 5.08 12.43
C ALA B 65 4.52 5.00 11.80
N ASP B 66 4.55 4.63 10.53
CA ASP B 66 3.38 4.44 9.69
C ASP B 66 2.53 3.40 10.37
N ARG B 67 3.11 2.23 10.59
CA ARG B 67 2.34 1.20 11.25
C ARG B 67 1.65 1.78 12.51
N LEU B 68 2.30 2.68 13.24
CA LEU B 68 1.65 3.27 14.43
C LEU B 68 0.64 4.37 14.06
N ILE B 69 1.01 5.25 13.12
CA ILE B 69 0.14 6.34 12.69
C ILE B 69 -1.26 5.83 12.41
N ARG B 70 -1.31 4.86 11.50
CA ARG B 70 -2.54 4.23 11.10
C ARG B 70 -3.34 3.81 12.32
N LEU B 71 -2.73 3.10 13.26
CA LEU B 71 -3.46 2.64 14.45
C LEU B 71 -4.04 3.81 15.23
N LEU B 72 -3.40 4.97 15.10
CA LEU B 72 -3.81 6.20 15.79
C LEU B 72 -4.99 6.90 15.11
N ILE B 73 -4.98 6.93 13.78
CA ILE B 73 -6.06 7.56 13.02
C ILE B 73 -7.38 6.82 13.28
N GLU B 74 -7.32 5.50 13.35
CA GLU B 74 -8.51 4.67 13.58
C GLU B 74 -9.16 4.98 14.94
N GLU B 75 -8.33 5.09 15.95
CA GLU B 75 -8.80 5.40 17.28
C GLU B 75 -9.22 6.86 17.29
N ALA B 76 -8.95 7.56 16.18
CA ALA B 76 -9.29 8.99 16.05
C ALA B 76 -10.64 9.17 15.41
N LEU B 77 -10.89 8.44 14.34
CA LEU B 77 -12.14 8.52 13.62
C LEU B 77 -13.26 8.05 14.52
N ASN B 78 -12.90 7.71 15.75
CA ASN B 78 -13.87 7.25 16.73
C ASN B 78 -14.49 8.39 17.50
N GLU B 79 -14.00 9.60 17.24
CA GLU B 79 -14.53 10.78 17.92
C GLU B 79 -15.57 11.45 17.08
N LEU B 80 -15.60 11.12 15.79
CA LEU B 80 -16.58 11.73 14.89
C LEU B 80 -17.99 11.25 15.20
N PRO B 81 -19.00 12.11 14.96
CA PRO B 81 -20.38 11.73 15.22
C PRO B 81 -20.91 10.69 14.22
N PHE B 82 -21.72 9.76 14.72
CA PHE B 82 -22.29 8.71 13.89
C PHE B 82 -23.81 8.59 14.12
N GLN B 83 -24.56 8.14 13.12
CA GLN B 83 -26.01 7.96 13.26
C GLN B 83 -26.37 6.50 12.99
N LYS B 84 -27.56 6.10 13.36
CA LYS B 84 -27.97 4.73 13.17
C LYS B 84 -28.32 4.46 11.71
N LYS B 85 -28.25 3.20 11.31
CA LYS B 85 -28.56 2.81 9.95
C LYS B 85 -28.79 1.30 9.91
N GLU B 86 -29.96 0.91 9.41
CA GLU B 86 -30.32 -0.50 9.32
C GLU B 86 -29.92 -1.02 7.96
N VAL B 87 -29.59 -2.30 7.88
CA VAL B 87 -29.20 -2.87 6.62
C VAL B 87 -29.64 -4.30 6.57
N THR B 88 -29.83 -4.82 5.36
CA THR B 88 -30.23 -6.20 5.25
C THR B 88 -29.00 -6.96 4.81
N THR B 89 -28.89 -8.15 5.38
CA THR B 89 -27.81 -9.09 5.14
C THR B 89 -28.14 -9.93 3.89
N PRO B 90 -27.12 -10.49 3.23
CA PRO B 90 -27.40 -11.31 2.05
C PRO B 90 -28.37 -12.43 2.41
N LEU B 91 -28.38 -12.78 3.69
CA LEU B 91 -29.28 -13.81 4.21
C LEU B 91 -30.68 -13.24 4.46
N ASP B 92 -30.93 -12.06 3.90
CA ASP B 92 -32.21 -11.36 4.03
C ASP B 92 -32.70 -11.31 5.48
N VAL B 93 -31.93 -10.61 6.30
CA VAL B 93 -32.21 -10.43 7.71
C VAL B 93 -31.52 -9.11 8.07
N SER B 94 -32.14 -8.29 8.91
CA SER B 94 -31.57 -7.01 9.25
C SER B 94 -30.43 -7.04 10.25
N TYR B 95 -29.79 -5.87 10.40
CA TYR B 95 -28.67 -5.64 11.33
C TYR B 95 -28.64 -4.16 11.77
N HIS B 96 -28.48 -3.95 13.08
CA HIS B 96 -28.43 -2.61 13.68
C HIS B 96 -27.06 -1.98 13.52
N GLY B 97 -26.71 -1.65 12.28
CA GLY B 97 -25.42 -1.05 12.01
C GLY B 97 -25.44 0.42 12.37
N VAL B 98 -24.31 1.08 12.19
CA VAL B 98 -24.20 2.49 12.48
C VAL B 98 -23.60 3.18 11.27
N SER B 99 -23.48 4.50 11.32
CA SER B 99 -22.93 5.20 10.17
C SER B 99 -22.36 6.56 10.47
N PHE B 100 -21.34 6.95 9.69
CA PHE B 100 -20.72 8.24 9.91
C PHE B 100 -20.97 9.24 8.78
N TYR B 101 -21.63 10.34 9.11
CA TYR B 101 -21.87 11.38 8.13
C TYR B 101 -20.82 12.41 8.51
N SER B 102 -21.15 13.69 8.41
CA SER B 102 -20.21 14.73 8.81
C SER B 102 -19.07 14.88 7.83
N LYS B 103 -18.99 16.04 7.18
CA LYS B 103 -17.90 16.26 6.25
C LYS B 103 -16.64 16.51 7.08
N ILE B 104 -15.52 15.91 6.68
CA ILE B 104 -14.28 16.11 7.42
C ILE B 104 -13.13 16.43 6.48
N CYS B 105 -11.97 16.70 7.06
CA CYS B 105 -10.77 17.02 6.29
C CYS B 105 -9.55 16.83 7.19
N GLY B 106 -8.38 16.68 6.59
CA GLY B 106 -7.18 16.52 7.38
C GLY B 106 -6.30 17.75 7.24
N VAL B 107 -5.81 18.26 8.37
CA VAL B 107 -4.93 19.41 8.38
C VAL B 107 -3.60 19.04 9.02
N SER B 108 -2.51 19.18 8.27
CA SER B 108 -1.20 18.83 8.81
C SER B 108 -0.27 20.03 9.01
N ILE B 109 0.38 20.07 10.16
CA ILE B 109 1.33 21.14 10.48
C ILE B 109 2.61 20.79 9.69
N VAL B 110 2.94 21.59 8.67
CA VAL B 110 4.07 21.31 7.80
C VAL B 110 5.26 20.49 8.31
N ARG B 111 5.54 19.46 7.50
CA ARG B 111 6.58 18.48 7.69
C ARG B 111 6.22 17.52 8.80
N ALA B 112 6.33 17.93 10.06
CA ALA B 112 5.97 17.00 11.14
C ALA B 112 4.62 16.35 10.84
N GLY B 113 3.60 17.17 10.57
CA GLY B 113 2.29 16.62 10.29
C GLY B 113 2.09 15.82 9.01
N GLU B 114 2.80 16.20 7.95
CA GLU B 114 2.69 15.52 6.68
C GLU B 114 2.99 14.03 6.84
N SER B 115 3.63 13.69 7.95
CA SER B 115 3.97 12.31 8.27
C SER B 115 2.74 11.43 8.20
N MET B 116 1.71 11.88 8.90
CA MET B 116 0.47 11.14 8.99
C MET B 116 -0.59 11.44 7.94
N GLU B 117 -0.24 12.18 6.89
CA GLU B 117 -1.23 12.46 5.86
C GLU B 117 -1.55 11.13 5.16
N SER B 118 -0.51 10.47 4.68
CA SER B 118 -0.65 9.19 4.01
C SER B 118 -1.39 8.18 4.89
N GLY B 119 -1.28 8.33 6.21
CA GLY B 119 -1.95 7.40 7.09
C GLY B 119 -3.44 7.65 7.12
N LEU B 120 -3.83 8.87 6.76
CA LEU B 120 -5.24 9.25 6.74
C LEU B 120 -5.89 8.91 5.41
N ARG B 121 -5.13 9.03 4.33
CA ARG B 121 -5.66 8.74 3.01
C ARG B 121 -5.71 7.25 2.77
N ALA B 122 -5.18 6.49 3.72
CA ALA B 122 -5.21 5.06 3.60
C ALA B 122 -6.58 4.63 4.11
N VAL B 123 -7.10 5.29 5.13
CA VAL B 123 -8.42 4.91 5.63
C VAL B 123 -9.56 5.81 5.23
N CYS B 124 -9.27 7.05 4.88
CA CYS B 124 -10.29 8.00 4.44
C CYS B 124 -9.96 8.45 3.03
N ARG B 125 -10.16 7.53 2.07
CA ARG B 125 -9.86 7.77 0.66
C ARG B 125 -10.14 9.18 0.15
N GLY B 126 -9.39 9.61 -0.85
CA GLY B 126 -9.55 10.93 -1.42
C GLY B 126 -9.97 12.04 -0.47
N VAL B 127 -9.60 11.92 0.81
CA VAL B 127 -9.92 12.93 1.82
C VAL B 127 -9.15 14.22 1.50
N ARG B 128 -9.77 15.37 1.81
CA ARG B 128 -9.16 16.68 1.58
C ARG B 128 -8.06 16.99 2.59
N ILE B 129 -6.92 17.43 2.09
CA ILE B 129 -5.78 17.74 2.92
C ILE B 129 -5.44 19.23 2.99
N GLY B 130 -5.23 19.73 4.20
CA GLY B 130 -4.87 21.11 4.37
C GLY B 130 -3.49 21.24 5.00
N LYS B 131 -2.76 22.28 4.65
CA LYS B 131 -1.41 22.44 5.20
C LYS B 131 -1.18 23.79 5.92
N ILE B 132 -0.45 23.73 7.04
CA ILE B 132 -0.13 24.94 7.81
C ILE B 132 1.34 24.97 8.25
N LEU B 133 2.09 25.94 7.73
CA LEU B 133 3.48 26.09 8.11
C LEU B 133 3.64 27.11 9.25
N ILE B 134 3.70 26.61 10.49
CA ILE B 134 3.88 27.43 11.70
C ILE B 134 5.37 27.53 12.00
N GLN B 135 5.95 28.69 11.70
CA GLN B 135 7.38 28.95 11.89
C GLN B 135 7.71 29.98 12.99
N ARG B 136 8.65 29.62 13.86
CA ARG B 136 9.10 30.53 14.94
C ARG B 136 10.41 31.16 14.49
N ASP B 137 10.61 32.44 14.77
CA ASP B 137 11.84 33.11 14.35
C ASP B 137 12.74 33.50 15.52
N GLU B 142 7.14 34.98 18.97
CA GLU B 142 5.88 34.25 18.86
C GLU B 142 5.77 33.49 17.54
N PRO B 143 5.42 32.18 17.60
CA PRO B 143 5.30 31.39 16.37
C PRO B 143 4.61 32.20 15.30
N LYS B 144 5.00 31.97 14.06
CA LYS B 144 4.43 32.69 12.93
C LYS B 144 3.80 31.76 11.90
N LEU B 145 2.96 32.34 11.06
CA LEU B 145 2.29 31.60 10.02
C LEU B 145 3.13 31.88 8.78
N ILE B 146 3.27 30.90 7.90
CA ILE B 146 4.05 31.12 6.70
C ILE B 146 3.25 30.84 5.44
N TYR B 147 3.04 29.56 5.16
CA TYR B 147 2.27 29.15 4.00
C TYR B 147 1.07 28.38 4.50
N GLU B 148 0.05 28.26 3.66
CA GLU B 148 -1.14 27.51 4.03
C GLU B 148 -2.20 27.36 2.95
N LYS B 149 -2.63 26.11 2.71
CA LYS B 149 -3.70 25.82 1.76
C LYS B 149 -4.67 24.88 2.46
N LEU B 150 -5.91 25.36 2.60
CA LEU B 150 -6.97 24.64 3.28
C LEU B 150 -8.24 24.54 2.41
N PRO B 151 -9.14 23.57 2.74
CA PRO B 151 -10.40 23.39 2.00
C PRO B 151 -11.18 24.69 2.08
N ALA B 152 -11.76 25.13 0.97
CA ALA B 152 -12.52 26.39 0.98
C ALA B 152 -13.73 26.37 1.91
N ASP B 153 -14.14 25.19 2.33
CA ASP B 153 -15.29 24.99 3.21
C ASP B 153 -14.89 24.41 4.54
N ILE B 154 -13.64 24.65 4.94
CA ILE B 154 -13.15 24.11 6.17
C ILE B 154 -14.07 24.41 7.34
N ARG B 155 -14.70 25.58 7.39
CA ARG B 155 -15.58 25.89 8.53
C ARG B 155 -16.74 24.93 8.70
N GLU B 156 -17.19 24.39 7.58
CA GLU B 156 -18.32 23.47 7.52
C GLU B 156 -17.99 22.07 7.99
N ARG B 157 -16.72 21.72 7.97
CA ARG B 157 -16.34 20.39 8.36
C ARG B 157 -15.61 20.24 9.67
N TRP B 158 -15.41 18.96 10.02
CA TRP B 158 -14.68 18.53 11.22
C TRP B 158 -13.25 18.41 10.82
N VAL B 159 -12.35 18.83 11.71
CA VAL B 159 -10.93 18.80 11.41
C VAL B 159 -10.04 17.86 12.21
N MET B 160 -9.20 17.10 11.51
CA MET B 160 -8.24 16.22 12.14
C MET B 160 -6.95 17.02 12.15
N LEU B 161 -6.49 17.43 13.34
CA LEU B 161 -5.26 18.21 13.48
C LEU B 161 -4.08 17.26 13.65
N LEU B 162 -3.24 17.18 12.62
CA LEU B 162 -2.09 16.30 12.65
C LEU B 162 -0.76 16.93 13.03
N ASP B 163 -0.25 16.52 14.18
CA ASP B 163 1.03 17.00 14.65
C ASP B 163 1.56 15.89 15.53
N PRO B 164 2.59 15.16 15.05
CA PRO B 164 3.20 14.04 15.77
C PRO B 164 3.61 14.31 17.21
N MET B 165 4.27 15.43 17.44
CA MET B 165 4.75 15.74 18.76
C MET B 165 4.19 17.01 19.37
N CYS B 166 3.84 16.93 20.65
CA CYS B 166 3.31 18.07 21.39
C CYS B 166 4.23 18.40 22.55
N ALA B 167 5.20 19.26 22.32
CA ALA B 167 6.14 19.62 23.36
C ALA B 167 5.63 20.78 24.22
N THR B 168 5.62 21.98 23.65
CA THR B 168 5.15 23.14 24.39
C THR B 168 3.68 23.46 24.08
N ALA B 169 3.25 23.05 22.88
CA ALA B 169 1.88 23.25 22.37
C ALA B 169 1.74 24.66 21.80
N GLY B 170 2.86 25.23 21.38
CA GLY B 170 2.86 26.57 20.82
C GLY B 170 2.46 26.68 19.37
N SER B 171 2.90 25.73 18.53
CA SER B 171 2.56 25.76 17.11
C SER B 171 1.15 25.19 16.91
N VAL B 172 0.79 24.22 17.74
CA VAL B 172 -0.53 23.61 17.64
C VAL B 172 -1.54 24.65 18.15
N CYS B 173 -1.15 25.42 19.16
CA CYS B 173 -2.01 26.47 19.68
C CYS B 173 -2.07 27.62 18.69
N LYS B 174 -1.12 27.68 17.76
CA LYS B 174 -1.12 28.74 16.77
C LYS B 174 -1.92 28.21 15.59
N ALA B 175 -1.98 26.88 15.49
CA ALA B 175 -2.74 26.26 14.41
C ALA B 175 -4.22 26.39 14.71
N ILE B 176 -4.62 26.00 15.91
CA ILE B 176 -6.02 26.06 16.31
C ILE B 176 -6.45 27.51 16.26
N GLU B 177 -5.52 28.42 16.50
CA GLU B 177 -5.87 29.83 16.48
C GLU B 177 -6.19 30.27 15.05
N VAL B 178 -5.36 29.93 14.07
CA VAL B 178 -5.65 30.38 12.70
C VAL B 178 -6.93 29.74 12.18
N LEU B 179 -7.22 28.52 12.66
CA LEU B 179 -8.41 27.77 12.26
C LEU B 179 -9.72 28.36 12.78
N LEU B 180 -9.72 28.77 14.05
CA LEU B 180 -10.89 29.36 14.68
C LEU B 180 -11.22 30.72 14.06
N ARG B 181 -10.18 31.42 13.62
CA ARG B 181 -10.35 32.72 12.99
C ARG B 181 -10.99 32.58 11.60
N LEU B 182 -10.83 31.39 11.02
CA LEU B 182 -11.34 31.08 9.69
C LEU B 182 -12.72 30.45 9.75
N GLY B 183 -13.21 30.26 10.97
CA GLY B 183 -14.52 29.69 11.16
C GLY B 183 -14.65 28.42 11.98
N VAL B 184 -13.98 27.35 11.55
CA VAL B 184 -14.12 26.07 12.25
C VAL B 184 -14.49 26.13 13.73
N LYS B 185 -15.37 25.25 14.17
CA LYS B 185 -15.74 25.26 15.57
C LYS B 185 -14.75 24.47 16.40
N GLU B 186 -14.31 25.09 17.49
CA GLU B 186 -13.36 24.53 18.44
C GLU B 186 -13.79 23.11 18.88
N GLU B 187 -15.08 22.94 19.14
CA GLU B 187 -15.59 21.66 19.56
C GLU B 187 -15.44 20.65 18.44
N ARG B 188 -15.16 21.13 17.23
CA ARG B 188 -15.00 20.20 16.12
C ARG B 188 -13.57 19.92 15.71
N ILE B 189 -12.60 20.24 16.57
CA ILE B 189 -11.22 19.93 16.25
C ILE B 189 -10.78 18.72 17.04
N ILE B 190 -10.06 17.84 16.34
CA ILE B 190 -9.54 16.61 16.90
C ILE B 190 -8.04 16.54 16.65
N PHE B 191 -7.27 16.89 17.67
CA PHE B 191 -5.82 16.89 17.63
C PHE B 191 -5.32 15.44 17.67
N VAL B 192 -4.78 14.98 16.55
CA VAL B 192 -4.26 13.63 16.44
C VAL B 192 -2.76 13.70 16.63
N ASN B 193 -2.28 13.19 17.77
CA ASN B 193 -0.85 13.26 18.01
C ASN B 193 -0.25 11.96 18.52
N ILE B 194 1.06 11.84 18.38
CA ILE B 194 1.76 10.64 18.85
C ILE B 194 2.36 10.86 20.25
N LEU B 195 3.26 11.84 20.36
CA LEU B 195 3.93 12.16 21.65
C LEU B 195 3.58 13.56 22.18
N ALA B 196 3.32 13.64 23.47
CA ALA B 196 3.03 14.92 24.11
C ALA B 196 3.53 15.05 25.57
N ALA B 197 3.93 16.26 25.93
CA ALA B 197 4.39 16.51 27.30
C ALA B 197 3.22 17.09 28.12
N PRO B 198 3.17 16.73 29.41
CA PRO B 198 2.14 17.19 30.34
C PRO B 198 1.98 18.70 30.30
N GLN B 199 3.10 19.42 30.16
CA GLN B 199 2.98 20.87 30.10
C GLN B 199 2.36 21.25 28.75
N GLY B 200 2.62 20.42 27.73
CA GLY B 200 2.09 20.67 26.41
C GLY B 200 0.59 20.46 26.29
N ILE B 201 0.09 19.37 26.90
CA ILE B 201 -1.35 19.04 26.84
C ILE B 201 -2.22 19.93 27.74
N GLU B 202 -1.64 20.48 28.79
CA GLU B 202 -2.39 21.34 29.70
C GLU B 202 -2.45 22.79 29.25
N ARG B 203 -1.59 23.17 28.30
CA ARG B 203 -1.59 24.53 27.81
C ARG B 203 -2.63 24.62 26.69
N VAL B 204 -2.56 23.64 25.79
CA VAL B 204 -3.49 23.56 24.69
C VAL B 204 -4.92 23.49 25.25
N PHE B 205 -5.08 22.81 26.38
CA PHE B 205 -6.40 22.69 27.00
C PHE B 205 -6.78 23.88 27.87
N LYS B 206 -5.84 24.77 28.12
CA LYS B 206 -6.14 25.96 28.90
C LYS B 206 -6.52 27.02 27.89
N GLU B 207 -5.75 27.04 26.81
CA GLU B 207 -5.95 27.99 25.73
C GLU B 207 -7.29 27.69 25.05
N TYR B 208 -7.47 26.46 24.60
CA TYR B 208 -8.69 26.08 23.92
C TYR B 208 -9.34 24.79 24.43
N PRO B 209 -10.16 24.88 25.50
CA PRO B 209 -10.78 23.63 25.95
C PRO B 209 -11.74 23.19 24.84
N LYS B 210 -12.64 22.27 25.13
CA LYS B 210 -13.59 21.86 24.11
C LYS B 210 -13.00 21.18 22.85
N VAL B 211 -11.68 21.08 22.74
CA VAL B 211 -11.11 20.38 21.57
C VAL B 211 -10.82 18.94 21.99
N ARG B 212 -10.61 18.07 21.01
CA ARG B 212 -10.34 16.67 21.30
C ARG B 212 -8.87 16.36 21.05
N MET B 213 -8.27 15.57 21.92
CA MET B 213 -6.87 15.21 21.70
C MET B 213 -6.72 13.69 21.79
N VAL B 214 -6.05 13.09 20.81
CA VAL B 214 -5.84 11.66 20.84
C VAL B 214 -4.36 11.39 20.62
N THR B 215 -3.71 10.78 21.59
CA THR B 215 -2.28 10.48 21.50
C THR B 215 -1.93 9.05 21.89
N ALA B 216 -0.72 8.61 21.55
CA ALA B 216 -0.30 7.26 21.88
C ALA B 216 0.46 7.24 23.18
N ALA B 217 1.05 8.38 23.53
CA ALA B 217 1.83 8.45 24.74
C ALA B 217 2.21 9.84 25.18
N VAL B 218 2.30 9.97 26.50
CA VAL B 218 2.66 11.22 27.18
C VAL B 218 3.88 10.97 28.05
N ASP B 219 4.90 11.80 27.89
CA ASP B 219 6.14 11.67 28.67
C ASP B 219 6.30 12.51 29.94
N ILE B 220 7.46 12.37 30.57
CA ILE B 220 7.76 13.06 31.81
C ILE B 220 7.78 14.58 31.72
N CYS B 221 8.65 15.12 30.89
CA CYS B 221 8.70 16.58 30.80
C CYS B 221 9.49 17.04 29.60
N LEU B 222 9.95 18.29 29.68
CA LEU B 222 10.74 18.91 28.64
C LEU B 222 12.22 19.01 28.98
N ASN B 223 13.01 19.15 27.92
CA ASN B 223 14.45 19.26 27.98
C ASN B 223 14.88 20.69 28.31
N SER B 224 16.19 20.90 28.42
CA SER B 224 16.73 22.23 28.69
C SER B 224 16.33 22.99 27.44
N ARG B 225 16.30 22.24 26.34
CA ARG B 225 15.84 22.80 25.09
C ARG B 225 14.38 22.40 25.12
N TYR B 226 13.65 22.48 24.04
CA TYR B 226 12.25 22.09 24.15
C TYR B 226 11.89 20.78 23.48
N TYR B 227 12.56 19.71 23.91
CA TYR B 227 12.33 18.38 23.37
C TYR B 227 11.75 17.47 24.45
N ILE B 228 10.98 16.48 24.04
CA ILE B 228 10.36 15.61 25.02
C ILE B 228 11.32 14.58 25.60
N VAL B 229 11.18 14.34 26.90
CA VAL B 229 11.99 13.36 27.61
C VAL B 229 11.09 12.32 28.27
N PRO B 230 11.37 11.03 28.06
CA PRO B 230 12.47 10.47 27.24
C PRO B 230 12.48 10.95 25.80
N GLY B 231 11.31 11.01 25.20
CA GLY B 231 11.19 11.46 23.83
C GLY B 231 11.51 10.45 22.75
N ILE B 232 11.67 10.99 21.54
CA ILE B 232 11.98 10.22 20.35
C ILE B 232 12.99 11.03 19.56
N GLY B 233 13.00 12.32 19.82
CA GLY B 233 13.92 13.21 19.13
C GLY B 233 13.16 14.17 18.26
N ASP B 234 13.67 14.42 17.06
CA ASP B 234 13.01 15.30 16.13
C ASP B 234 12.38 14.39 15.06
N PHE B 235 11.06 14.22 15.18
CA PHE B 235 10.27 13.37 14.28
C PHE B 235 10.52 13.65 12.79
N GLY B 236 10.22 14.88 12.36
CA GLY B 236 10.42 15.27 10.97
C GLY B 236 11.78 14.89 10.43
N ASP B 237 12.84 15.14 11.20
CA ASP B 237 14.18 14.80 10.77
C ASP B 237 14.34 13.32 10.63
N ARG B 238 13.92 12.57 11.65
CA ARG B 238 14.05 11.14 11.55
C ARG B 238 13.09 10.51 10.56
N TYR B 239 11.94 11.13 10.32
CA TYR B 239 10.96 10.58 9.37
C TYR B 239 11.33 10.82 7.91
N PHE B 240 11.88 11.99 7.62
CA PHE B 240 12.25 12.34 6.24
C PHE B 240 13.74 12.15 5.91
N GLY B 241 14.57 11.86 6.90
CA GLY B 241 16.00 11.64 6.65
C GLY B 241 16.87 12.88 6.56
N THR B 242 16.80 13.74 7.57
CA THR B 242 17.60 14.97 7.59
C THR B 242 18.17 15.31 8.97
N GLN C 20 -30.29 -9.17 23.54
CA GLN C 20 -29.87 -10.61 23.54
C GLN C 20 -28.47 -10.77 22.98
N GLU C 21 -28.09 -9.89 22.05
CA GLU C 21 -26.76 -9.97 21.47
C GLU C 21 -25.78 -9.50 22.55
N GLU C 22 -26.32 -9.06 23.68
CA GLU C 22 -25.51 -8.60 24.78
C GLU C 22 -25.29 -9.77 25.73
N SER C 23 -26.26 -10.70 25.76
CA SER C 23 -26.17 -11.86 26.65
C SER C 23 -25.25 -12.94 26.10
N ILE C 24 -25.22 -13.07 24.78
CA ILE C 24 -24.39 -14.07 24.11
C ILE C 24 -22.93 -13.78 24.45
N LEU C 25 -22.50 -12.55 24.17
CA LEU C 25 -21.13 -12.12 24.47
C LEU C 25 -20.78 -12.33 25.93
N GLN C 26 -21.79 -12.42 26.79
CA GLN C 26 -21.56 -12.57 28.22
C GLN C 26 -21.25 -14.01 28.60
N ASP C 27 -21.93 -14.95 27.95
CA ASP C 27 -21.71 -16.35 28.24
C ASP C 27 -20.35 -16.79 27.72
N ILE C 28 -20.07 -16.41 26.47
CA ILE C 28 -18.81 -16.77 25.82
C ILE C 28 -17.63 -16.11 26.52
N ILE C 29 -17.88 -14.94 27.10
CA ILE C 29 -16.85 -14.19 27.81
C ILE C 29 -16.42 -14.88 29.09
N THR C 30 -17.39 -15.40 29.84
CA THR C 30 -17.07 -16.03 31.10
C THR C 30 -16.92 -17.55 31.05
N ARG C 31 -17.17 -18.15 29.89
CA ARG C 31 -17.06 -19.60 29.76
C ARG C 31 -16.01 -20.01 28.73
N PHE C 32 -15.47 -19.00 28.05
CA PHE C 32 -14.41 -19.23 27.07
C PHE C 32 -13.39 -18.10 27.22
N PRO C 33 -12.70 -18.11 28.36
CA PRO C 33 -11.69 -17.14 28.75
C PRO C 33 -10.60 -16.88 27.71
N ASN C 34 -10.40 -17.81 26.78
CA ASN C 34 -9.35 -17.61 25.76
C ASN C 34 -9.85 -16.85 24.54
N VAL C 35 -11.10 -16.36 24.60
CA VAL C 35 -11.62 -15.62 23.47
C VAL C 35 -11.45 -14.13 23.69
N VAL C 36 -10.80 -13.49 22.74
CA VAL C 36 -10.58 -12.06 22.83
C VAL C 36 -11.43 -11.39 21.77
N LEU C 37 -12.43 -10.65 22.20
CA LEU C 37 -13.28 -9.96 21.26
C LEU C 37 -12.75 -8.57 21.10
N MET C 38 -12.61 -8.11 19.86
CA MET C 38 -12.14 -6.75 19.68
C MET C 38 -13.10 -5.80 20.37
N LYS C 39 -12.61 -4.60 20.70
CA LYS C 39 -13.43 -3.59 21.36
C LYS C 39 -14.53 -3.18 20.40
N GLN C 40 -15.76 -3.31 20.86
CA GLN C 40 -16.91 -2.96 20.05
C GLN C 40 -17.07 -1.45 19.92
N THR C 41 -16.30 -0.85 19.03
CA THR C 41 -16.34 0.59 18.84
C THR C 41 -17.25 1.04 17.72
N ALA C 42 -17.60 2.31 17.75
CA ALA C 42 -18.48 2.90 16.76
C ALA C 42 -17.91 2.69 15.37
N GLN C 43 -16.62 2.94 15.23
CA GLN C 43 -15.94 2.77 13.96
C GLN C 43 -15.93 1.29 13.53
N LEU C 44 -15.84 0.38 14.52
CA LEU C 44 -15.84 -1.05 14.25
C LEU C 44 -17.20 -1.43 13.68
N ARG C 45 -18.25 -1.10 14.44
CA ARG C 45 -19.59 -1.39 14.04
C ARG C 45 -19.84 -0.78 12.64
N ALA C 46 -19.32 0.44 12.40
CA ALA C 46 -19.50 1.10 11.10
C ALA C 46 -18.95 0.27 9.93
N MET C 47 -17.74 -0.25 10.07
CA MET C 47 -17.14 -1.09 9.05
C MET C 47 -17.97 -2.36 8.86
N MET C 48 -18.29 -3.03 9.95
CA MET C 48 -19.10 -4.24 9.90
C MET C 48 -20.47 -3.95 9.29
N THR C 49 -21.00 -2.77 9.58
CA THR C 49 -22.29 -2.39 9.02
C THR C 49 -22.23 -2.47 7.50
N ILE C 50 -21.19 -1.90 6.90
CA ILE C 50 -21.09 -1.92 5.46
C ILE C 50 -20.66 -3.25 4.86
N ILE C 51 -19.79 -3.98 5.54
CA ILE C 51 -19.38 -5.26 4.99
C ILE C 51 -20.56 -6.25 5.03
N ARG C 52 -21.42 -6.09 6.03
CA ARG C 52 -22.58 -6.97 6.19
C ARG C 52 -23.66 -6.68 5.16
N ASP C 53 -23.92 -5.40 4.94
CA ASP C 53 -24.91 -4.91 3.98
C ASP C 53 -24.73 -5.62 2.64
N LYS C 54 -25.82 -6.13 2.06
CA LYS C 54 -25.73 -6.82 0.78
C LYS C 54 -25.75 -5.83 -0.41
N GLU C 55 -25.89 -4.55 -0.11
CA GLU C 55 -25.96 -3.51 -1.13
C GLU C 55 -24.57 -3.05 -1.59
N THR C 56 -23.57 -3.20 -0.73
CA THR C 56 -22.19 -2.76 -1.03
C THR C 56 -21.54 -3.53 -2.15
N PRO C 57 -21.05 -2.80 -3.15
CA PRO C 57 -20.39 -3.39 -4.32
C PRO C 57 -18.93 -3.86 -4.14
N LYS C 58 -18.44 -4.66 -5.09
CA LYS C 58 -17.06 -5.17 -5.08
C LYS C 58 -16.09 -4.21 -4.42
N GLU C 59 -15.65 -3.23 -5.19
CA GLU C 59 -14.70 -2.23 -4.72
C GLU C 59 -14.77 -1.87 -3.24
N GLU C 60 -15.97 -1.54 -2.76
CA GLU C 60 -16.12 -1.13 -1.36
C GLU C 60 -16.07 -2.26 -0.34
N PHE C 61 -16.49 -3.45 -0.76
CA PHE C 61 -16.48 -4.59 0.14
C PHE C 61 -15.07 -4.94 0.60
N VAL C 62 -14.13 -5.00 -0.33
CA VAL C 62 -12.77 -5.33 0.05
C VAL C 62 -12.11 -4.18 0.81
N PHE C 63 -12.12 -2.98 0.26
CA PHE C 63 -11.49 -1.87 0.97
C PHE C 63 -11.83 -1.88 2.48
N TYR C 64 -13.10 -2.04 2.84
CA TYR C 64 -13.43 -2.06 4.25
C TYR C 64 -12.99 -3.37 4.91
N ALA C 65 -13.17 -4.48 4.21
CA ALA C 65 -12.77 -5.77 4.75
C ALA C 65 -11.28 -5.73 5.06
N ASP C 66 -10.51 -5.12 4.16
CA ASP C 66 -9.06 -5.00 4.33
C ASP C 66 -8.68 -4.18 5.54
N ARG C 67 -9.53 -3.21 5.88
CA ARG C 67 -9.35 -2.31 7.01
C ARG C 67 -9.71 -2.99 8.31
N LEU C 68 -10.73 -3.84 8.32
CA LEU C 68 -11.12 -4.50 9.56
C LEU C 68 -10.08 -5.56 9.88
N ILE C 69 -9.65 -6.27 8.84
CA ILE C 69 -8.63 -7.31 8.97
C ILE C 69 -7.36 -6.68 9.59
N ARG C 70 -6.86 -5.59 9.00
CA ARG C 70 -5.68 -4.87 9.51
C ARG C 70 -5.72 -4.67 11.04
N LEU C 71 -6.86 -4.22 11.56
CA LEU C 71 -7.01 -4.03 12.99
C LEU C 71 -7.13 -5.40 13.69
N LEU C 72 -7.41 -6.46 12.91
CA LEU C 72 -7.53 -7.80 13.49
C LEU C 72 -6.13 -8.33 13.75
N ILE C 73 -5.34 -8.42 12.68
CA ILE C 73 -3.99 -8.93 12.78
C ILE C 73 -3.22 -8.19 13.86
N GLU C 74 -3.53 -6.92 14.06
CA GLU C 74 -2.83 -6.14 15.08
C GLU C 74 -3.17 -6.65 16.45
N GLU C 75 -4.46 -6.67 16.74
CA GLU C 75 -4.97 -7.11 18.04
C GLU C 75 -4.48 -8.53 18.37
N ALA C 76 -4.44 -9.38 17.36
CA ALA C 76 -4.00 -10.76 17.52
C ALA C 76 -2.53 -10.82 17.94
N LEU C 77 -1.76 -9.89 17.38
CA LEU C 77 -0.33 -9.86 17.65
C LEU C 77 0.01 -9.60 19.13
N ASN C 78 -0.98 -9.21 19.93
CA ASN C 78 -0.77 -8.96 21.34
C ASN C 78 -0.86 -10.24 22.13
N GLU C 79 -1.12 -11.33 21.42
CA GLU C 79 -1.25 -12.63 22.04
C GLU C 79 0.10 -13.30 22.05
N LEU C 80 1.03 -12.70 21.32
CA LEU C 80 2.39 -13.23 21.24
C LEU C 80 3.23 -12.88 22.47
N PRO C 81 4.15 -13.76 22.86
CA PRO C 81 4.98 -13.44 24.02
C PRO C 81 6.06 -12.41 23.68
N PHE C 82 6.36 -11.57 24.67
CA PHE C 82 7.36 -10.51 24.54
C PHE C 82 8.21 -10.35 25.80
N GLN C 83 9.37 -9.73 25.66
CA GLN C 83 10.24 -9.53 26.80
C GLN C 83 10.66 -8.07 26.98
N LYS C 84 11.26 -7.76 28.13
CA LYS C 84 11.70 -6.41 28.44
C LYS C 84 12.89 -6.02 27.60
N LYS C 85 12.91 -4.79 27.13
CA LYS C 85 14.03 -4.31 26.34
C LYS C 85 14.25 -2.84 26.63
N GLU C 86 15.50 -2.43 26.73
CA GLU C 86 15.80 -1.04 27.00
C GLU C 86 16.56 -0.47 25.81
N VAL C 87 16.41 0.83 25.61
CA VAL C 87 17.10 1.53 24.52
C VAL C 87 17.24 2.96 25.03
N THR C 88 17.97 3.77 24.29
CA THR C 88 18.13 5.14 24.73
C THR C 88 17.66 6.04 23.62
N THR C 89 16.91 7.06 24.00
CA THR C 89 16.38 8.00 23.04
C THR C 89 17.54 8.92 22.61
N PRO C 90 17.39 9.69 21.52
CA PRO C 90 18.40 10.62 21.02
C PRO C 90 18.69 11.75 21.99
N LEU C 91 18.29 11.57 23.25
CA LEU C 91 18.52 12.60 24.23
C LEU C 91 19.39 12.02 25.33
N ASP C 92 19.83 10.80 25.07
CA ASP C 92 20.71 10.10 25.97
C ASP C 92 20.03 9.71 27.27
N VAL C 93 18.72 9.62 27.23
CA VAL C 93 17.98 9.18 28.41
C VAL C 93 17.41 7.83 27.98
N SER C 94 17.51 6.85 28.87
CA SER C 94 17.05 5.51 28.56
C SER C 94 15.54 5.38 28.67
N TYR C 95 15.01 4.38 27.97
CA TYR C 95 13.59 4.08 27.92
C TYR C 95 13.31 2.60 28.11
N HIS C 96 12.32 2.29 28.94
CA HIS C 96 11.97 0.92 29.22
C HIS C 96 10.85 0.44 28.30
N GLY C 97 11.24 -0.32 27.27
CA GLY C 97 10.25 -0.84 26.34
C GLY C 97 10.19 -2.37 26.29
N VAL C 98 9.63 -2.90 25.22
CA VAL C 98 9.49 -4.35 25.07
C VAL C 98 9.82 -4.79 23.64
N SER C 99 9.87 -6.08 23.40
CA SER C 99 10.15 -6.55 22.06
C SER C 99 9.59 -7.94 21.93
N PHE C 100 9.35 -8.36 20.69
CA PHE C 100 8.82 -9.67 20.41
C PHE C 100 9.83 -10.52 19.69
N TYR C 101 9.96 -11.76 20.14
CA TYR C 101 10.87 -12.73 19.55
C TYR C 101 10.01 -13.91 19.07
N SER C 102 10.45 -15.15 19.34
CA SER C 102 9.71 -16.35 18.93
C SER C 102 9.05 -16.15 17.58
N LYS C 103 9.73 -16.50 16.50
CA LYS C 103 9.15 -16.28 15.20
C LYS C 103 7.81 -16.96 14.97
N ILE C 104 7.07 -16.37 14.04
CA ILE C 104 5.72 -16.78 13.68
C ILE C 104 5.63 -17.25 12.22
N CYS C 105 4.41 -17.31 11.72
CA CYS C 105 4.05 -17.72 10.36
C CYS C 105 2.55 -17.53 10.29
N GLY C 106 2.00 -17.60 9.08
CA GLY C 106 0.57 -17.45 8.93
C GLY C 106 -0.04 -18.57 8.11
N VAL C 107 -1.00 -19.29 8.68
CA VAL C 107 -1.67 -20.37 7.96
C VAL C 107 -3.09 -19.93 7.58
N SER C 108 -3.36 -19.91 6.28
CA SER C 108 -4.67 -19.50 5.81
C SER C 108 -5.47 -20.65 5.19
N ILE C 109 -6.74 -20.76 5.58
CA ILE C 109 -7.63 -21.80 5.04
C ILE C 109 -8.04 -21.27 3.67
N VAL C 110 -7.51 -21.94 2.64
CA VAL C 110 -7.70 -21.54 1.26
C VAL C 110 -8.98 -20.92 0.75
N ARG C 111 -8.72 -19.74 0.20
CA ARG C 111 -9.63 -18.80 -0.41
C ARG C 111 -10.22 -17.85 0.61
N ALA C 112 -10.84 -18.35 1.66
CA ALA C 112 -11.42 -17.43 2.65
C ALA C 112 -10.34 -16.69 3.44
N GLY C 113 -9.44 -17.44 4.07
CA GLY C 113 -8.40 -16.81 4.83
C GLY C 113 -7.35 -16.14 3.95
N GLU C 114 -7.27 -16.47 2.67
CA GLU C 114 -6.23 -15.84 1.84
C GLU C 114 -6.43 -14.31 1.85
N SER C 115 -7.65 -13.87 2.13
CA SER C 115 -7.95 -12.45 2.17
C SER C 115 -7.28 -11.73 3.34
N MET C 116 -6.80 -12.50 4.30
CA MET C 116 -6.16 -11.89 5.44
C MET C 116 -4.64 -11.92 5.32
N GLU C 117 -4.13 -12.65 4.33
CA GLU C 117 -2.69 -12.72 4.15
C GLU C 117 -2.07 -11.35 3.90
N SER C 118 -2.69 -10.55 3.02
CA SER C 118 -2.17 -9.23 2.72
C SER C 118 -2.14 -8.30 3.91
N GLY C 119 -3.01 -8.54 4.89
CA GLY C 119 -3.04 -7.70 6.07
C GLY C 119 -1.93 -8.05 7.04
N LEU C 120 -1.67 -9.35 7.17
CA LEU C 120 -0.64 -9.87 8.03
C LEU C 120 0.71 -9.40 7.54
N ARG C 121 0.96 -9.58 6.24
CA ARG C 121 2.21 -9.14 5.64
C ARG C 121 2.34 -7.62 5.50
N ALA C 122 1.37 -6.88 6.02
CA ALA C 122 1.43 -5.43 5.97
C ALA C 122 1.90 -4.92 7.33
N VAL C 123 1.89 -5.82 8.32
CA VAL C 123 2.35 -5.51 9.67
C VAL C 123 3.50 -6.46 10.00
N CYS C 124 3.63 -7.53 9.21
CA CYS C 124 4.67 -8.53 9.40
C CYS C 124 5.43 -8.83 8.11
N ARG C 125 6.11 -7.81 7.59
CA ARG C 125 6.87 -7.90 6.36
C ARG C 125 7.52 -9.28 6.15
N GLY C 126 7.27 -9.87 4.98
CA GLY C 126 7.86 -11.15 4.64
C GLY C 126 7.63 -12.32 5.59
N VAL C 127 6.66 -12.20 6.49
CA VAL C 127 6.34 -13.28 7.40
C VAL C 127 6.05 -14.50 6.53
N ARG C 128 6.38 -15.71 7.02
CA ARG C 128 6.15 -16.94 6.26
C ARG C 128 4.69 -17.27 6.18
N ILE C 129 4.28 -17.76 5.01
CA ILE C 129 2.87 -18.10 4.76
C ILE C 129 2.59 -19.55 4.40
N GLY C 130 1.56 -20.10 5.03
CA GLY C 130 1.14 -21.47 4.79
C GLY C 130 -0.30 -21.50 4.31
N LYS C 131 -0.66 -22.53 3.55
CA LYS C 131 -2.01 -22.68 3.01
C LYS C 131 -2.57 -24.10 3.14
N ILE C 132 -3.82 -24.19 3.61
CA ILE C 132 -4.48 -25.48 3.78
C ILE C 132 -5.81 -25.40 3.04
N LEU C 133 -6.03 -26.34 2.13
CA LEU C 133 -7.27 -26.39 1.37
C LEU C 133 -8.13 -27.57 1.82
N ILE C 134 -9.04 -27.32 2.74
CA ILE C 134 -9.94 -28.36 3.25
C ILE C 134 -11.23 -28.32 2.44
N GLN C 135 -11.71 -29.50 2.05
CA GLN C 135 -12.93 -29.63 1.25
C GLN C 135 -13.88 -30.64 1.85
N ARG C 136 -15.18 -30.40 1.65
CA ARG C 136 -16.21 -31.31 2.14
C ARG C 136 -16.17 -32.52 1.19
N ASP C 137 -16.32 -33.73 1.73
CA ASP C 137 -16.27 -34.95 0.91
C ASP C 137 -17.50 -35.13 0.02
N GLU C 142 -18.17 -34.45 5.74
CA GLU C 142 -16.90 -34.66 6.44
C GLU C 142 -15.77 -33.82 5.82
N PRO C 143 -15.38 -32.71 6.49
CA PRO C 143 -14.31 -31.88 5.93
C PRO C 143 -13.09 -32.79 5.68
N LYS C 144 -12.36 -32.54 4.61
CA LYS C 144 -11.18 -33.36 4.34
C LYS C 144 -10.04 -32.55 3.74
N LEU C 145 -8.83 -32.90 4.13
CA LEU C 145 -7.64 -32.24 3.63
C LEU C 145 -7.56 -32.53 2.14
N ILE C 146 -7.14 -31.57 1.33
CA ILE C 146 -7.02 -31.75 -0.12
C ILE C 146 -5.63 -31.38 -0.61
N TYR C 147 -5.12 -30.30 -0.06
CA TYR C 147 -3.81 -29.78 -0.44
C TYR C 147 -3.32 -28.89 0.68
N GLU C 148 -2.00 -28.81 0.84
CA GLU C 148 -1.42 -27.97 1.90
C GLU C 148 0.08 -27.83 1.77
N LYS C 149 0.55 -26.59 1.94
CA LYS C 149 1.97 -26.26 1.87
C LYS C 149 2.33 -25.32 3.02
N LEU C 150 2.88 -25.91 4.08
CA LEU C 150 3.28 -25.20 5.28
C LEU C 150 4.80 -25.05 5.36
N PRO C 151 5.30 -24.08 6.16
CA PRO C 151 6.74 -23.87 6.29
C PRO C 151 7.36 -25.13 6.86
N ALA C 152 8.54 -25.49 6.37
CA ALA C 152 9.22 -26.68 6.84
C ALA C 152 9.41 -26.63 8.36
N ASP C 153 9.59 -25.39 8.81
CA ASP C 153 9.82 -24.98 10.19
C ASP C 153 8.62 -25.23 11.09
N ILE C 154 7.52 -24.56 10.73
CA ILE C 154 6.23 -24.62 11.38
C ILE C 154 6.16 -25.16 12.81
N ARG C 155 6.38 -26.45 12.99
CA ARG C 155 6.30 -27.08 14.31
C ARG C 155 7.02 -26.35 15.44
N GLU C 156 7.89 -25.41 15.09
CA GLU C 156 8.63 -24.66 16.09
C GLU C 156 8.20 -23.20 16.12
N ARG C 157 7.05 -22.88 15.56
CA ARG C 157 6.63 -21.49 15.56
C ARG C 157 5.22 -21.22 16.06
N TRP C 158 4.92 -19.95 16.30
CA TRP C 158 3.59 -19.55 16.71
C TRP C 158 2.78 -19.47 15.43
N VAL C 159 1.53 -19.89 15.47
CA VAL C 159 0.72 -19.89 14.25
C VAL C 159 -0.56 -19.05 14.24
N MET C 160 -0.57 -18.07 13.34
CA MET C 160 -1.70 -17.17 13.13
C MET C 160 -2.57 -17.87 12.12
N LEU C 161 -3.66 -18.46 12.59
CA LEU C 161 -4.56 -19.19 11.71
C LEU C 161 -5.64 -18.27 11.14
N LEU C 162 -5.64 -18.13 9.82
CA LEU C 162 -6.59 -17.24 9.14
C LEU C 162 -7.84 -17.87 8.55
N ASP C 163 -9.00 -17.44 9.06
CA ASP C 163 -10.30 -17.93 8.58
C ASP C 163 -11.44 -16.97 8.98
N PRO C 164 -11.89 -16.10 8.04
CA PRO C 164 -12.95 -15.11 8.20
C PRO C 164 -14.22 -15.56 8.91
N MET C 165 -14.74 -16.69 8.45
CA MET C 165 -15.96 -17.27 8.96
C MET C 165 -15.78 -18.50 9.80
N CYS C 166 -16.53 -18.58 10.88
CA CYS C 166 -16.45 -19.73 11.75
C CYS C 166 -17.84 -20.11 12.21
N ALA C 167 -18.55 -20.88 11.37
CA ALA C 167 -19.91 -21.29 11.70
C ALA C 167 -19.97 -22.60 12.50
N THR C 168 -19.62 -23.70 11.86
CA THR C 168 -19.62 -24.97 12.56
C THR C 168 -18.21 -25.29 13.04
N ALA C 169 -17.23 -24.50 12.60
CA ALA C 169 -15.85 -24.74 13.03
C ALA C 169 -15.36 -26.07 12.48
N GLY C 170 -16.14 -26.68 11.59
CA GLY C 170 -15.74 -27.96 11.03
C GLY C 170 -14.41 -27.91 10.30
N SER C 171 -14.21 -26.86 9.51
CA SER C 171 -12.99 -26.71 8.75
C SER C 171 -11.79 -26.27 9.61
N VAL C 172 -12.01 -25.33 10.53
CA VAL C 172 -10.93 -24.87 11.40
C VAL C 172 -10.46 -26.02 12.27
N CYS C 173 -11.35 -26.92 12.66
CA CYS C 173 -10.89 -28.04 13.48
C CYS C 173 -9.99 -28.95 12.64
N LYS C 174 -10.42 -29.23 11.42
CA LYS C 174 -9.62 -30.10 10.57
C LYS C 174 -8.28 -29.43 10.32
N ALA C 175 -8.28 -28.11 10.29
CA ALA C 175 -7.06 -27.35 10.08
C ALA C 175 -6.15 -27.43 11.30
N ILE C 176 -6.73 -27.63 12.48
CA ILE C 176 -5.90 -27.75 13.67
C ILE C 176 -5.42 -29.19 13.87
N GLU C 177 -6.27 -30.17 13.59
CA GLU C 177 -5.82 -31.53 13.78
C GLU C 177 -4.73 -31.89 12.78
N VAL C 178 -4.52 -31.03 11.78
CA VAL C 178 -3.49 -31.27 10.76
C VAL C 178 -2.17 -30.59 11.15
N LEU C 179 -2.28 -29.46 11.83
CA LEU C 179 -1.13 -28.69 12.31
C LEU C 179 -0.58 -29.42 13.51
N LEU C 180 -1.49 -29.90 14.36
CA LEU C 180 -1.10 -30.66 15.53
C LEU C 180 -0.40 -31.96 15.13
N ARG C 181 -0.82 -32.54 14.00
CA ARG C 181 -0.21 -33.78 13.54
C ARG C 181 1.21 -33.48 13.03
N LEU C 182 1.51 -32.20 12.85
CA LEU C 182 2.81 -31.78 12.38
C LEU C 182 3.73 -31.30 13.48
N GLY C 183 3.29 -31.47 14.73
CA GLY C 183 4.11 -31.07 15.85
C GLY C 183 3.95 -29.64 16.34
N VAL C 184 2.88 -28.97 15.94
CA VAL C 184 2.67 -27.60 16.39
C VAL C 184 1.99 -27.62 17.75
N LYS C 185 2.48 -26.81 18.67
CA LYS C 185 1.93 -26.76 20.02
C LYS C 185 0.55 -26.12 20.02
N GLU C 186 -0.42 -26.81 20.60
CA GLU C 186 -1.79 -26.31 20.66
C GLU C 186 -1.84 -24.85 21.15
N GLU C 187 -1.28 -24.60 22.33
CA GLU C 187 -1.26 -23.27 22.94
C GLU C 187 -0.56 -22.22 22.11
N ARG C 188 0.05 -22.66 21.03
CA ARG C 188 0.80 -21.76 20.19
C ARG C 188 0.06 -21.43 18.88
N ILE C 189 -1.25 -21.62 18.87
CA ILE C 189 -2.07 -21.33 17.68
C ILE C 189 -3.08 -20.21 17.91
N ILE C 190 -2.83 -19.05 17.32
CA ILE C 190 -3.77 -17.93 17.45
C ILE C 190 -4.68 -17.95 16.25
N PHE C 191 -5.97 -18.20 16.50
CA PHE C 191 -7.01 -18.27 15.48
C PHE C 191 -7.55 -16.87 15.17
N VAL C 192 -7.24 -16.34 13.99
CA VAL C 192 -7.73 -15.02 13.62
C VAL C 192 -9.05 -15.18 12.85
N ASN C 193 -10.12 -14.63 13.42
CA ASN C 193 -11.48 -14.72 12.86
C ASN C 193 -12.20 -13.35 12.73
N ILE C 194 -13.14 -13.24 11.80
CA ILE C 194 -13.88 -11.98 11.65
C ILE C 194 -15.23 -12.16 12.31
N LEU C 195 -16.01 -13.11 11.80
CA LEU C 195 -17.34 -13.41 12.34
C LEU C 195 -17.44 -14.86 12.86
N ALA C 196 -17.98 -15.01 14.06
CA ALA C 196 -18.15 -16.31 14.71
C ALA C 196 -19.57 -16.54 15.26
N ALA C 197 -19.98 -17.80 15.26
CA ALA C 197 -21.29 -18.20 15.77
C ALA C 197 -21.06 -18.95 17.08
N PRO C 198 -21.93 -18.72 18.06
CA PRO C 198 -21.86 -19.35 19.38
C PRO C 198 -21.45 -20.82 19.32
N GLN C 199 -22.20 -21.62 18.58
CA GLN C 199 -21.86 -23.03 18.49
C GLN C 199 -20.48 -23.23 17.87
N GLY C 200 -20.04 -22.26 17.08
CA GLY C 200 -18.74 -22.35 16.42
C GLY C 200 -17.60 -22.29 17.41
N ILE C 201 -17.77 -21.44 18.43
CA ILE C 201 -16.81 -21.28 19.50
C ILE C 201 -16.78 -22.59 20.32
N GLU C 202 -17.88 -22.94 20.97
CA GLU C 202 -17.93 -24.15 21.78
C GLU C 202 -17.28 -25.39 21.19
N ARG C 203 -17.18 -25.45 19.86
CA ARG C 203 -16.59 -26.59 19.16
C ARG C 203 -15.07 -26.57 19.24
N VAL C 204 -14.47 -25.48 18.79
CA VAL C 204 -13.02 -25.37 18.82
C VAL C 204 -12.50 -25.51 20.26
N PHE C 205 -13.05 -24.74 21.20
CA PHE C 205 -12.60 -24.78 22.59
C PHE C 205 -12.99 -26.05 23.34
N LYS C 206 -13.40 -27.06 22.58
CA LYS C 206 -13.82 -28.33 23.12
C LYS C 206 -12.89 -29.38 22.57
N GLU C 207 -12.50 -29.19 21.31
CA GLU C 207 -11.61 -30.13 20.65
C GLU C 207 -10.17 -29.73 20.92
N TYR C 208 -9.94 -28.43 21.03
CA TYR C 208 -8.61 -27.91 21.27
C TYR C 208 -8.74 -26.72 22.21
N PRO C 209 -8.96 -27.01 23.49
CA PRO C 209 -9.13 -26.04 24.58
C PRO C 209 -8.02 -25.05 24.91
N LYS C 210 -6.81 -25.28 24.39
CA LYS C 210 -5.68 -24.41 24.68
C LYS C 210 -5.33 -23.42 23.58
N VAL C 211 -6.05 -23.47 22.46
CA VAL C 211 -5.77 -22.52 21.38
C VAL C 211 -6.30 -21.18 21.84
N ARG C 212 -5.99 -20.14 21.08
CA ARG C 212 -6.43 -18.79 21.39
C ARG C 212 -7.23 -18.25 20.20
N MET C 213 -8.33 -17.56 20.49
CA MET C 213 -9.21 -17.00 19.46
C MET C 213 -9.45 -15.51 19.59
N VAL C 214 -9.35 -14.82 18.46
CA VAL C 214 -9.59 -13.39 18.40
C VAL C 214 -10.55 -13.11 17.24
N THR C 215 -11.73 -12.61 17.60
CA THR C 215 -12.80 -12.31 16.67
C THR C 215 -13.19 -10.83 16.72
N ALA C 216 -13.89 -10.38 15.67
CA ALA C 216 -14.32 -8.99 15.56
C ALA C 216 -15.79 -8.87 15.89
N ALA C 217 -16.54 -9.93 15.62
CA ALA C 217 -17.98 -9.96 15.84
C ALA C 217 -18.49 -11.37 16.12
N VAL C 218 -19.30 -11.51 17.15
CA VAL C 218 -19.89 -12.78 17.50
C VAL C 218 -21.38 -12.66 17.21
N ASP C 219 -21.92 -13.55 16.38
CA ASP C 219 -23.33 -13.48 16.05
C ASP C 219 -24.27 -14.40 16.84
N ILE C 220 -25.57 -14.19 16.66
CA ILE C 220 -26.64 -14.91 17.34
C ILE C 220 -26.86 -16.40 17.06
N CYS C 221 -26.88 -16.80 15.78
CA CYS C 221 -27.08 -18.20 15.43
C CYS C 221 -26.91 -18.53 13.96
N LEU C 222 -26.95 -19.83 13.67
CA LEU C 222 -26.83 -20.34 12.32
C LEU C 222 -28.21 -20.69 11.79
N ASN C 223 -28.33 -20.86 10.48
CA ASN C 223 -29.62 -21.21 9.92
C ASN C 223 -29.58 -22.63 9.35
N SER C 224 -30.61 -23.00 8.59
CA SER C 224 -30.71 -24.32 8.02
C SER C 224 -29.57 -24.68 7.08
N ARG C 225 -29.08 -23.70 6.33
CA ARG C 225 -27.98 -23.95 5.41
C ARG C 225 -26.62 -23.81 6.09
N TYR C 226 -26.64 -23.70 7.42
CA TYR C 226 -25.44 -23.58 8.21
C TYR C 226 -24.63 -22.32 7.97
N TYR C 227 -25.34 -21.23 7.67
CA TYR C 227 -24.74 -19.92 7.45
C TYR C 227 -24.98 -19.11 8.72
N ILE C 228 -24.08 -18.19 9.01
CA ILE C 228 -24.23 -17.38 10.20
C ILE C 228 -25.21 -16.25 9.99
N VAL C 229 -26.10 -16.06 10.96
CA VAL C 229 -27.08 -15.01 10.83
C VAL C 229 -27.07 -14.08 12.04
N PRO C 230 -27.22 -12.76 11.81
CA PRO C 230 -27.38 -12.09 10.50
C PRO C 230 -26.30 -12.48 9.51
N GLY C 231 -25.06 -12.52 9.99
CA GLY C 231 -23.96 -12.88 9.12
C GLY C 231 -23.66 -11.87 8.02
N ILE C 232 -22.79 -12.26 7.09
CA ILE C 232 -22.39 -11.38 6.01
C ILE C 232 -22.47 -12.11 4.66
N GLY C 233 -22.95 -13.35 4.73
CA GLY C 233 -23.11 -14.18 3.55
C GLY C 233 -21.89 -15.05 3.38
N ASP C 234 -21.54 -15.34 2.13
CA ASP C 234 -20.37 -16.16 1.82
C ASP C 234 -19.21 -15.21 1.60
N PHE C 235 -18.47 -14.96 2.67
CA PHE C 235 -17.33 -14.06 2.64
C PHE C 235 -16.40 -14.38 1.46
N GLY C 236 -16.14 -15.66 1.24
CA GLY C 236 -15.27 -16.05 0.14
C GLY C 236 -15.47 -15.43 -1.23
N ASP C 237 -16.62 -15.67 -1.87
CA ASP C 237 -16.82 -15.11 -3.21
C ASP C 237 -17.21 -13.64 -3.18
N ARG C 238 -17.65 -13.16 -2.04
CA ARG C 238 -18.00 -11.75 -1.93
C ARG C 238 -16.70 -10.97 -1.99
N TYR C 239 -15.66 -11.46 -1.31
CA TYR C 239 -14.36 -10.78 -1.34
C TYR C 239 -13.77 -10.88 -2.77
N PHE C 240 -13.96 -12.05 -3.37
CA PHE C 240 -13.51 -12.31 -4.74
C PHE C 240 -14.72 -12.09 -5.68
N GLY C 241 -14.70 -12.66 -6.87
CA GLY C 241 -15.82 -12.47 -7.78
C GLY C 241 -16.91 -13.50 -7.65
N THR C 242 -17.80 -13.33 -6.67
CA THR C 242 -18.94 -14.25 -6.45
C THR C 242 -18.71 -15.65 -6.99
N GLN D 20 24.76 -16.35 -25.98
CA GLN D 20 24.35 -15.30 -24.98
C GLN D 20 22.89 -14.85 -25.12
N GLU D 21 22.35 -14.35 -24.02
CA GLU D 21 20.97 -13.88 -23.90
C GLU D 21 20.29 -13.25 -25.11
N GLU D 22 20.95 -12.35 -25.83
CA GLU D 22 20.32 -11.69 -26.96
C GLU D 22 20.01 -12.55 -28.20
N SER D 23 20.61 -13.73 -28.28
CA SER D 23 20.34 -14.61 -29.42
C SER D 23 19.11 -15.45 -29.10
N ILE D 24 18.79 -15.49 -27.81
CA ILE D 24 17.64 -16.23 -27.31
C ILE D 24 16.38 -15.37 -27.35
N LEU D 25 16.48 -14.16 -26.81
CA LEU D 25 15.36 -13.24 -26.80
C LEU D 25 14.88 -12.91 -28.21
N GLN D 26 15.83 -12.75 -29.13
CA GLN D 26 15.49 -12.43 -30.51
C GLN D 26 14.77 -13.55 -31.22
N ASP D 27 15.27 -14.77 -31.07
CA ASP D 27 14.66 -15.91 -31.71
C ASP D 27 13.17 -16.07 -31.43
N ILE D 28 12.78 -16.05 -30.14
CA ILE D 28 11.36 -16.19 -29.84
C ILE D 28 10.61 -14.95 -30.31
N ILE D 29 11.20 -13.76 -30.16
CA ILE D 29 10.52 -12.55 -30.64
C ILE D 29 10.13 -12.77 -32.10
N THR D 30 11.05 -13.31 -32.88
CA THR D 30 10.77 -13.57 -34.28
C THR D 30 9.79 -14.74 -34.48
N ARG D 31 10.05 -15.85 -33.78
CA ARG D 31 9.27 -17.06 -33.86
C ARG D 31 7.89 -17.09 -33.18
N PHE D 32 7.54 -16.07 -32.42
CA PHE D 32 6.25 -16.05 -31.75
C PHE D 32 5.83 -14.60 -31.49
N PRO D 33 5.41 -13.90 -32.54
CA PRO D 33 4.99 -12.50 -32.47
C PRO D 33 3.84 -12.22 -31.49
N ASN D 34 3.37 -13.25 -30.80
CA ASN D 34 2.27 -13.11 -29.84
C ASN D 34 2.73 -12.96 -28.40
N VAL D 35 4.03 -13.04 -28.18
CA VAL D 35 4.58 -12.87 -26.83
C VAL D 35 5.11 -11.46 -26.71
N VAL D 36 4.85 -10.82 -25.57
CA VAL D 36 5.31 -9.46 -25.38
C VAL D 36 6.40 -9.42 -24.31
N LEU D 37 7.64 -9.41 -24.76
CA LEU D 37 8.76 -9.38 -23.84
C LEU D 37 8.86 -7.98 -23.24
N MET D 38 9.10 -7.89 -21.94
CA MET D 38 9.21 -6.57 -21.33
C MET D 38 10.51 -5.90 -21.71
N LYS D 39 10.57 -4.59 -21.51
CA LYS D 39 11.76 -3.85 -21.87
C LYS D 39 12.90 -4.16 -20.90
N GLN D 40 13.93 -4.83 -21.41
CA GLN D 40 15.09 -5.19 -20.60
C GLN D 40 15.87 -3.96 -20.16
N THR D 41 15.40 -3.29 -19.11
CA THR D 41 16.05 -2.09 -18.62
C THR D 41 17.05 -2.37 -17.53
N ALA D 42 17.72 -1.32 -17.07
CA ALA D 42 18.68 -1.45 -16.00
C ALA D 42 17.93 -1.72 -14.70
N GLN D 43 16.82 -1.01 -14.51
CA GLN D 43 16.05 -1.20 -13.31
C GLN D 43 15.42 -2.60 -13.31
N LEU D 44 15.02 -3.07 -14.49
CA LEU D 44 14.42 -4.39 -14.61
C LEU D 44 15.48 -5.45 -14.33
N ARG D 45 16.58 -5.38 -15.09
CA ARG D 45 17.70 -6.30 -14.91
C ARG D 45 18.14 -6.30 -13.46
N ALA D 46 18.20 -5.11 -12.88
CA ALA D 46 18.60 -4.98 -11.50
C ALA D 46 17.64 -5.78 -10.59
N MET D 47 16.34 -5.53 -10.70
CA MET D 47 15.38 -6.23 -9.88
C MET D 47 15.61 -7.74 -9.96
N MET D 48 15.59 -8.26 -11.19
CA MET D 48 15.82 -9.69 -11.46
C MET D 48 16.98 -10.24 -10.62
N THR D 49 18.19 -9.80 -10.92
CA THR D 49 19.36 -10.27 -10.18
C THR D 49 19.15 -10.27 -8.66
N ILE D 50 18.37 -9.31 -8.15
CA ILE D 50 18.11 -9.27 -6.71
C ILE D 50 17.28 -10.46 -6.32
N ILE D 51 16.21 -10.75 -7.06
CA ILE D 51 15.38 -11.89 -6.71
C ILE D 51 16.01 -13.23 -7.10
N ARG D 52 16.86 -13.24 -8.12
CA ARG D 52 17.53 -14.46 -8.57
C ARG D 52 18.63 -14.87 -7.61
N ASP D 53 19.24 -13.89 -6.95
CA ASP D 53 20.29 -14.15 -6.01
C ASP D 53 19.78 -15.08 -4.90
N LYS D 54 20.42 -16.25 -4.76
CA LYS D 54 20.02 -17.21 -3.74
C LYS D 54 20.33 -16.67 -2.36
N GLU D 55 20.96 -15.50 -2.31
CA GLU D 55 21.33 -14.89 -1.03
C GLU D 55 20.25 -14.02 -0.42
N THR D 56 19.78 -13.06 -1.20
CA THR D 56 18.75 -12.12 -0.77
C THR D 56 17.74 -12.81 0.15
N PRO D 57 17.53 -12.27 1.36
CA PRO D 57 16.62 -12.78 2.39
C PRO D 57 15.15 -12.68 2.02
N LYS D 58 14.33 -13.57 2.59
CA LYS D 58 12.92 -13.53 2.27
C LYS D 58 12.36 -12.11 2.18
N GLU D 59 12.11 -11.44 3.30
CA GLU D 59 11.53 -10.10 3.22
C GLU D 59 12.03 -9.25 2.07
N GLU D 60 13.23 -9.53 1.60
CA GLU D 60 13.83 -8.74 0.53
C GLU D 60 13.45 -9.22 -0.86
N PHE D 61 13.10 -10.49 -0.94
CA PHE D 61 12.71 -11.15 -2.19
C PHE D 61 11.28 -10.85 -2.62
N VAL D 62 10.40 -10.65 -1.64
CA VAL D 62 9.02 -10.34 -1.93
C VAL D 62 8.86 -8.87 -2.29
N PHE D 63 9.68 -8.01 -1.68
CA PHE D 63 9.60 -6.59 -1.96
C PHE D 63 9.88 -6.38 -3.44
N TYR D 64 11.03 -6.87 -3.90
CA TYR D 64 11.39 -6.73 -5.31
C TYR D 64 10.46 -7.60 -6.16
N ALA D 65 9.81 -8.58 -5.53
CA ALA D 65 8.89 -9.44 -6.25
C ALA D 65 7.68 -8.57 -6.59
N ASP D 66 6.94 -8.16 -5.56
CA ASP D 66 5.76 -7.32 -5.77
C ASP D 66 6.05 -6.03 -6.52
N ARG D 67 7.30 -5.72 -6.77
CA ARG D 67 7.62 -4.48 -7.44
C ARG D 67 7.67 -4.68 -8.95
N LEU D 68 7.99 -5.91 -9.35
CA LEU D 68 8.06 -6.27 -10.76
C LEU D 68 6.66 -6.80 -11.12
N ILE D 69 6.07 -7.55 -10.19
CA ILE D 69 4.74 -8.10 -10.39
C ILE D 69 3.89 -6.94 -10.90
N ARG D 70 4.07 -5.77 -10.29
CA ARG D 70 3.33 -4.57 -10.66
C ARG D 70 3.75 -3.98 -12.01
N LEU D 71 5.05 -3.96 -12.27
CA LEU D 71 5.50 -3.41 -13.56
C LEU D 71 5.08 -4.33 -14.70
N LEU D 72 4.95 -5.62 -14.39
CA LEU D 72 4.58 -6.61 -15.38
C LEU D 72 3.09 -6.53 -15.69
N ILE D 73 2.29 -6.32 -14.65
CA ILE D 73 0.84 -6.22 -14.81
C ILE D 73 0.52 -4.97 -15.62
N GLU D 74 1.20 -3.86 -15.30
CA GLU D 74 0.99 -2.57 -16.01
C GLU D 74 1.30 -2.69 -17.49
N GLU D 75 2.08 -3.71 -17.85
CA GLU D 75 2.47 -3.96 -19.22
C GLU D 75 1.47 -4.89 -19.84
N ALA D 76 0.82 -5.67 -18.99
CA ALA D 76 -0.18 -6.63 -19.42
C ALA D 76 -1.48 -5.90 -19.75
N LEU D 77 -1.74 -4.79 -19.08
CA LEU D 77 -2.98 -4.08 -19.36
C LEU D 77 -3.03 -3.42 -20.72
N ASN D 78 -1.92 -3.34 -21.45
CA ASN D 78 -1.98 -2.73 -22.78
C ASN D 78 -2.35 -3.72 -23.85
N GLU D 79 -2.77 -4.90 -23.41
CA GLU D 79 -3.15 -5.96 -24.33
C GLU D 79 -4.66 -5.95 -24.52
N LEU D 80 -5.36 -5.10 -23.78
CA LEU D 80 -6.81 -5.04 -23.91
C LEU D 80 -7.23 -4.05 -24.97
N PRO D 81 -8.47 -4.18 -25.44
CA PRO D 81 -9.04 -3.31 -26.46
C PRO D 81 -9.49 -1.97 -25.87
N PHE D 82 -9.24 -0.89 -26.60
CA PHE D 82 -9.65 0.42 -26.13
C PHE D 82 -10.39 1.25 -27.19
N GLN D 83 -11.17 2.20 -26.69
CA GLN D 83 -11.96 3.07 -27.55
C GLN D 83 -11.53 4.50 -27.33
N LYS D 84 -11.51 5.29 -28.39
CA LYS D 84 -11.17 6.70 -28.31
C LYS D 84 -12.14 7.36 -27.31
N LYS D 85 -11.72 8.42 -26.62
CA LYS D 85 -12.61 9.11 -25.67
C LYS D 85 -12.20 10.57 -25.50
N GLU D 86 -13.11 11.45 -25.86
CA GLU D 86 -12.84 12.87 -25.77
C GLU D 86 -13.35 13.38 -24.42
N VAL D 87 -12.50 14.16 -23.74
CA VAL D 87 -12.84 14.72 -22.44
C VAL D 87 -12.65 16.23 -22.46
N THR D 88 -13.26 16.87 -21.47
CA THR D 88 -13.17 18.31 -21.35
C THR D 88 -12.36 18.56 -20.09
N THR D 89 -11.39 19.44 -20.22
CA THR D 89 -10.48 19.77 -19.14
C THR D 89 -10.87 21.10 -18.49
N PRO D 90 -10.39 21.33 -17.26
CA PRO D 90 -10.64 22.54 -16.46
C PRO D 90 -10.25 23.85 -17.14
N LEU D 91 -9.59 23.75 -18.30
CA LEU D 91 -9.18 24.91 -19.05
C LEU D 91 -10.29 25.11 -20.05
N ASP D 92 -11.25 24.21 -19.96
CA ASP D 92 -12.40 24.20 -20.84
C ASP D 92 -11.97 23.91 -22.27
N VAL D 93 -11.35 22.77 -22.48
CA VAL D 93 -10.94 22.41 -23.82
C VAL D 93 -11.12 20.92 -23.95
N SER D 94 -10.96 20.39 -25.15
CA SER D 94 -11.13 18.96 -25.34
C SER D 94 -9.81 18.22 -25.44
N TYR D 95 -9.83 16.99 -24.98
CA TYR D 95 -8.66 16.14 -25.04
C TYR D 95 -9.04 14.89 -25.82
N HIS D 96 -8.23 14.54 -26.80
CA HIS D 96 -8.46 13.37 -27.63
C HIS D 96 -7.86 12.15 -26.94
N GLY D 97 -8.54 11.67 -25.90
CA GLY D 97 -8.04 10.52 -25.16
C GLY D 97 -8.58 9.17 -25.62
N VAL D 98 -8.34 8.14 -24.81
CA VAL D 98 -8.79 6.76 -25.09
C VAL D 98 -9.34 6.27 -23.77
N SER D 99 -9.86 5.06 -23.72
CA SER D 99 -10.41 4.51 -22.47
C SER D 99 -10.57 3.01 -22.60
N PHE D 100 -10.57 2.32 -21.48
CA PHE D 100 -10.70 0.87 -21.52
C PHE D 100 -11.99 0.34 -20.94
N TYR D 101 -12.71 -0.38 -21.78
CA TYR D 101 -13.96 -1.01 -21.38
C TYR D 101 -13.52 -2.46 -21.32
N SER D 102 -14.40 -3.39 -21.64
CA SER D 102 -14.03 -4.80 -21.62
C SER D 102 -13.80 -5.28 -20.19
N LYS D 103 -14.79 -5.99 -19.67
CA LYS D 103 -14.74 -6.56 -18.34
C LYS D 103 -13.60 -7.58 -18.37
N ILE D 104 -12.89 -7.78 -17.27
CA ILE D 104 -11.80 -8.76 -17.24
C ILE D 104 -11.76 -9.41 -15.86
N CYS D 105 -10.73 -10.19 -15.62
CA CYS D 105 -10.63 -10.80 -14.32
C CYS D 105 -9.29 -11.49 -14.25
N GLY D 106 -8.87 -11.80 -13.04
CA GLY D 106 -7.61 -12.48 -12.88
C GLY D 106 -7.88 -13.91 -12.50
N VAL D 107 -7.04 -14.80 -13.02
CA VAL D 107 -7.16 -16.20 -12.71
C VAL D 107 -5.72 -16.66 -12.46
N SER D 108 -5.46 -17.13 -11.25
CA SER D 108 -4.13 -17.56 -10.91
C SER D 108 -4.05 -19.06 -10.81
N ILE D 109 -2.83 -19.60 -10.93
CA ILE D 109 -2.60 -21.02 -10.82
C ILE D 109 -2.20 -21.14 -9.35
N VAL D 110 -3.05 -21.77 -8.53
CA VAL D 110 -2.80 -21.89 -7.09
C VAL D 110 -1.39 -22.11 -6.58
N ARG D 111 -1.07 -21.20 -5.65
CA ARG D 111 0.17 -20.99 -4.90
C ARG D 111 1.32 -20.37 -5.64
N ALA D 112 1.18 -20.16 -6.94
CA ALA D 112 2.25 -19.53 -7.69
C ALA D 112 1.76 -18.20 -8.23
N GLY D 113 0.63 -18.23 -8.94
CA GLY D 113 0.10 -16.99 -9.46
C GLY D 113 -0.47 -16.07 -8.39
N GLU D 114 -1.00 -16.66 -7.32
CA GLU D 114 -1.60 -15.88 -6.25
C GLU D 114 -0.68 -14.73 -5.86
N SER D 115 0.62 -14.94 -6.02
CA SER D 115 1.56 -13.89 -5.70
C SER D 115 1.35 -12.67 -6.63
N MET D 116 0.40 -12.75 -7.56
CA MET D 116 0.15 -11.64 -8.48
C MET D 116 -1.22 -11.01 -8.29
N GLU D 117 -2.09 -11.69 -7.55
CA GLU D 117 -3.42 -11.14 -7.33
C GLU D 117 -3.35 -9.72 -6.83
N SER D 118 -2.92 -9.56 -5.58
CA SER D 118 -2.81 -8.25 -4.93
C SER D 118 -2.17 -7.17 -5.81
N GLY D 119 -1.26 -7.59 -6.68
CA GLY D 119 -0.62 -6.67 -7.59
C GLY D 119 -1.66 -6.18 -8.57
N LEU D 120 -2.37 -7.13 -9.17
CA LEU D 120 -3.42 -6.79 -10.11
C LEU D 120 -4.50 -5.97 -9.41
N ARG D 121 -4.74 -6.31 -8.15
CA ARG D 121 -5.72 -5.63 -7.35
C ARG D 121 -5.23 -4.23 -7.02
N ALA D 122 -3.97 -3.92 -7.29
CA ALA D 122 -3.47 -2.60 -6.97
C ALA D 122 -3.76 -1.56 -8.06
N VAL D 123 -3.69 -1.97 -9.33
CA VAL D 123 -3.97 -1.08 -10.46
C VAL D 123 -5.44 -1.24 -10.92
N CYS D 124 -6.05 -2.35 -10.51
CA CYS D 124 -7.44 -2.65 -10.85
C CYS D 124 -8.22 -2.90 -9.54
N ARG D 125 -8.72 -1.83 -8.95
CA ARG D 125 -9.45 -1.94 -7.70
C ARG D 125 -10.55 -2.97 -7.74
N GLY D 126 -10.48 -3.88 -6.77
CA GLY D 126 -11.50 -4.92 -6.64
C GLY D 126 -11.82 -5.71 -7.89
N VAL D 127 -10.79 -6.15 -8.61
CA VAL D 127 -11.00 -6.92 -9.82
C VAL D 127 -11.32 -8.36 -9.40
N ARG D 128 -12.15 -9.02 -10.19
CA ARG D 128 -12.52 -10.38 -9.89
C ARG D 128 -11.35 -11.30 -10.09
N ILE D 129 -11.13 -12.14 -9.07
CA ILE D 129 -10.03 -13.07 -9.05
C ILE D 129 -10.51 -14.49 -8.88
N GLY D 130 -10.11 -15.35 -9.79
CA GLY D 130 -10.47 -16.74 -9.70
C GLY D 130 -9.23 -17.57 -9.49
N LYS D 131 -9.40 -18.72 -8.86
CA LYS D 131 -8.30 -19.64 -8.56
C LYS D 131 -8.45 -20.99 -9.26
N ILE D 132 -7.32 -21.60 -9.61
CA ILE D 132 -7.30 -22.88 -10.28
C ILE D 132 -6.10 -23.67 -9.76
N LEU D 133 -6.38 -24.73 -9.00
CA LEU D 133 -5.31 -25.55 -8.46
C LEU D 133 -5.11 -26.76 -9.36
N ILE D 134 -3.95 -26.81 -10.02
CA ILE D 134 -3.60 -27.92 -10.92
C ILE D 134 -2.56 -28.77 -10.21
N GLN D 135 -2.46 -30.04 -10.58
CA GLN D 135 -1.50 -30.90 -9.90
C GLN D 135 -1.00 -32.04 -10.78
N ARG D 136 0.32 -32.18 -10.89
CA ARG D 136 0.89 -33.26 -11.68
C ARG D 136 0.69 -34.51 -10.82
N ASP D 137 0.54 -35.66 -11.48
CA ASP D 137 0.33 -36.91 -10.75
C ASP D 137 1.63 -37.45 -10.15
N GLU D 138 1.50 -38.21 -9.07
CA GLU D 138 2.65 -38.78 -8.37
C GLU D 138 3.35 -39.85 -9.19
N THR D 139 2.62 -40.50 -10.08
CA THR D 139 3.20 -41.54 -10.90
C THR D 139 3.26 -41.12 -12.36
N THR D 140 2.10 -40.85 -12.93
CA THR D 140 1.99 -40.45 -14.32
C THR D 140 2.57 -39.08 -14.62
N ALA D 141 2.78 -38.26 -13.58
CA ALA D 141 3.31 -36.91 -13.75
C ALA D 141 2.37 -36.21 -14.72
N GLU D 142 1.08 -36.39 -14.46
CA GLU D 142 0.01 -35.87 -15.29
C GLU D 142 -0.72 -34.67 -14.72
N PRO D 143 -0.78 -33.57 -15.49
CA PRO D 143 -1.48 -32.38 -14.99
C PRO D 143 -2.92 -32.76 -14.68
N LYS D 144 -3.32 -32.57 -13.43
CA LYS D 144 -4.67 -32.90 -13.03
C LYS D 144 -5.31 -31.72 -12.30
N LEU D 145 -6.59 -31.50 -12.55
CA LEU D 145 -7.32 -30.41 -11.92
C LEU D 145 -7.74 -30.86 -10.51
N ILE D 146 -7.46 -30.02 -9.52
CA ILE D 146 -7.78 -30.33 -8.12
C ILE D 146 -8.91 -29.48 -7.54
N TYR D 147 -8.90 -28.22 -7.92
CA TYR D 147 -9.91 -27.30 -7.42
C TYR D 147 -9.96 -26.07 -8.32
N GLU D 148 -11.00 -25.27 -8.16
CA GLU D 148 -11.18 -24.06 -8.95
C GLU D 148 -12.44 -23.32 -8.54
N LYS D 149 -12.41 -22.01 -8.76
CA LYS D 149 -13.51 -21.09 -8.47
C LYS D 149 -13.26 -19.92 -9.37
N LEU D 150 -14.02 -19.83 -10.45
CA LEU D 150 -13.86 -18.73 -11.40
C LEU D 150 -15.15 -17.92 -11.37
N PRO D 151 -15.12 -16.70 -11.94
CA PRO D 151 -16.32 -15.86 -11.97
C PRO D 151 -17.41 -16.51 -12.81
N ALA D 152 -18.64 -16.43 -12.34
CA ALA D 152 -19.77 -17.04 -13.03
C ALA D 152 -19.84 -16.74 -14.53
N ASP D 153 -19.41 -15.55 -14.93
CA ASP D 153 -19.46 -15.17 -16.33
C ASP D 153 -18.08 -15.05 -16.94
N ILE D 154 -17.16 -15.89 -16.48
CA ILE D 154 -15.79 -15.86 -16.96
C ILE D 154 -15.67 -15.97 -18.49
N ARG D 155 -16.74 -16.33 -19.19
CA ARG D 155 -16.66 -16.46 -20.65
C ARG D 155 -16.82 -15.12 -21.36
N GLU D 156 -17.52 -14.19 -20.71
CA GLU D 156 -17.76 -12.87 -21.29
C GLU D 156 -16.56 -11.97 -21.14
N ARG D 157 -15.82 -12.15 -20.04
CA ARG D 157 -14.66 -11.33 -19.73
C ARG D 157 -13.33 -11.77 -20.35
N TRP D 158 -12.35 -10.86 -20.33
CA TRP D 158 -10.99 -11.12 -20.80
C TRP D 158 -10.29 -11.63 -19.57
N VAL D 159 -9.36 -12.58 -19.73
CA VAL D 159 -8.69 -13.16 -18.58
C VAL D 159 -7.16 -12.95 -18.47
N MET D 160 -6.72 -12.63 -17.25
CA MET D 160 -5.30 -12.43 -16.94
C MET D 160 -4.90 -13.68 -16.17
N LEU D 161 -4.28 -14.62 -16.88
CA LEU D 161 -3.82 -15.85 -16.28
C LEU D 161 -2.49 -15.59 -15.61
N LEU D 162 -2.44 -15.75 -14.31
CA LEU D 162 -1.24 -15.51 -13.58
C LEU D 162 -0.46 -16.77 -13.20
N ASP D 163 0.82 -16.78 -13.55
CA ASP D 163 1.73 -17.87 -13.23
C ASP D 163 3.15 -17.43 -13.48
N PRO D 164 3.91 -17.21 -12.39
CA PRO D 164 5.31 -16.78 -12.36
C PRO D 164 6.29 -17.53 -13.27
N MET D 165 6.39 -18.84 -13.08
CA MET D 165 7.29 -19.67 -13.87
C MET D 165 6.62 -20.37 -15.04
N CYS D 166 7.41 -20.67 -16.07
CA CYS D 166 6.94 -21.38 -17.25
C CYS D 166 8.09 -22.18 -17.84
N ALA D 167 8.21 -23.41 -17.35
CA ALA D 167 9.24 -24.34 -17.75
C ALA D 167 8.75 -25.32 -18.81
N THR D 168 7.93 -26.26 -18.36
CA THR D 168 7.37 -27.27 -19.24
C THR D 168 6.04 -26.77 -19.79
N ALA D 169 5.47 -25.76 -19.14
CA ALA D 169 4.20 -25.20 -19.58
C ALA D 169 3.08 -26.24 -19.43
N GLY D 170 3.41 -27.36 -18.81
CA GLY D 170 2.46 -28.43 -18.59
C GLY D 170 1.17 -27.99 -17.90
N SER D 171 1.30 -27.39 -16.71
CA SER D 171 0.13 -26.91 -15.96
C SER D 171 -0.59 -25.75 -16.66
N VAL D 172 0.16 -24.79 -17.20
CA VAL D 172 -0.45 -23.63 -17.86
C VAL D 172 -1.32 -24.01 -19.06
N CYS D 173 -0.93 -25.06 -19.77
CA CYS D 173 -1.73 -25.47 -20.90
C CYS D 173 -3.01 -26.15 -20.39
N LYS D 174 -2.93 -26.80 -19.23
CA LYS D 174 -4.10 -27.47 -18.65
C LYS D 174 -5.10 -26.46 -18.09
N ALA D 175 -4.56 -25.35 -17.58
CA ALA D 175 -5.34 -24.25 -17.03
C ALA D 175 -6.05 -23.57 -18.21
N ILE D 176 -5.34 -23.41 -19.32
CA ILE D 176 -5.94 -22.80 -20.52
C ILE D 176 -7.03 -23.70 -21.06
N GLU D 177 -6.85 -25.00 -20.81
CA GLU D 177 -7.81 -26.00 -21.26
C GLU D 177 -9.15 -25.88 -20.53
N VAL D 178 -9.13 -25.79 -19.19
CA VAL D 178 -10.37 -25.69 -18.42
C VAL D 178 -11.14 -24.41 -18.67
N LEU D 179 -10.40 -23.34 -18.97
CA LEU D 179 -10.98 -22.02 -19.25
C LEU D 179 -11.73 -22.07 -20.56
N LEU D 180 -11.07 -22.58 -21.60
CA LEU D 180 -11.70 -22.68 -22.90
C LEU D 180 -13.03 -23.42 -22.77
N ARG D 181 -12.98 -24.65 -22.26
CA ARG D 181 -14.19 -25.47 -22.06
C ARG D 181 -15.17 -24.87 -21.06
N LEU D 182 -15.13 -23.55 -20.90
CA LEU D 182 -16.03 -22.87 -19.98
C LEU D 182 -16.55 -21.63 -20.65
N GLY D 183 -16.18 -21.47 -21.92
CA GLY D 183 -16.64 -20.32 -22.67
C GLY D 183 -15.65 -19.20 -22.94
N VAL D 184 -14.50 -19.24 -22.30
CA VAL D 184 -13.54 -18.17 -22.55
C VAL D 184 -12.91 -18.35 -23.94
N LYS D 185 -12.68 -17.22 -24.60
CA LYS D 185 -12.09 -17.17 -25.92
C LYS D 185 -10.59 -17.30 -25.81
N GLU D 186 -10.00 -18.19 -26.60
CA GLU D 186 -8.56 -18.35 -26.54
C GLU D 186 -7.91 -16.99 -26.79
N GLU D 187 -8.31 -16.28 -27.84
CA GLU D 187 -7.68 -14.99 -28.13
C GLU D 187 -8.00 -13.91 -27.12
N ARG D 188 -8.69 -14.31 -26.06
CA ARG D 188 -9.04 -13.40 -24.96
C ARG D 188 -8.34 -13.78 -23.66
N ILE D 189 -7.35 -14.66 -23.76
CA ILE D 189 -6.55 -15.10 -22.63
C ILE D 189 -5.22 -14.39 -22.74
N ILE D 190 -4.78 -13.81 -21.63
CA ILE D 190 -3.50 -13.10 -21.55
C ILE D 190 -2.68 -13.73 -20.45
N PHE D 191 -1.50 -14.21 -20.83
CA PHE D 191 -0.57 -14.88 -19.96
C PHE D 191 0.43 -13.95 -19.31
N VAL D 192 0.25 -13.68 -18.03
CA VAL D 192 1.18 -12.81 -17.31
C VAL D 192 2.19 -13.71 -16.58
N ASN D 193 3.44 -13.67 -17.05
CA ASN D 193 4.48 -14.48 -16.49
C ASN D 193 5.78 -13.71 -16.28
N ILE D 194 6.53 -14.10 -15.24
CA ILE D 194 7.83 -13.50 -14.86
C ILE D 194 8.99 -14.14 -15.65
N LEU D 195 9.15 -15.44 -15.45
CA LEU D 195 10.22 -16.20 -16.08
C LEU D 195 9.73 -17.28 -17.05
N ALA D 196 10.54 -17.64 -18.03
CA ALA D 196 10.15 -18.67 -18.99
C ALA D 196 11.30 -19.24 -19.81
N ALA D 197 11.18 -20.53 -20.14
CA ALA D 197 12.21 -21.18 -20.94
C ALA D 197 11.63 -21.43 -22.33
N PRO D 198 12.48 -21.41 -23.36
CA PRO D 198 12.11 -21.63 -24.76
C PRO D 198 11.08 -22.72 -25.02
N GLN D 199 11.22 -23.88 -24.36
CA GLN D 199 10.30 -24.98 -24.60
C GLN D 199 8.88 -24.66 -24.14
N GLY D 200 8.79 -24.12 -22.93
CA GLY D 200 7.50 -23.78 -22.38
C GLY D 200 6.71 -22.82 -23.24
N ILE D 201 7.38 -21.85 -23.87
CA ILE D 201 6.65 -20.91 -24.70
C ILE D 201 6.50 -21.37 -26.13
N GLU D 202 7.08 -22.53 -26.45
CA GLU D 202 6.95 -23.06 -27.79
C GLU D 202 5.72 -23.96 -27.78
N ARG D 203 5.48 -24.55 -26.62
CA ARG D 203 4.38 -25.47 -26.44
C ARG D 203 3.02 -24.81 -26.30
N VAL D 204 2.95 -23.75 -25.51
CA VAL D 204 1.68 -23.07 -25.31
C VAL D 204 1.27 -22.46 -26.64
N PHE D 205 2.22 -21.92 -27.38
CA PHE D 205 1.89 -21.30 -28.65
C PHE D 205 1.67 -22.30 -29.77
N LYS D 206 2.00 -23.55 -29.49
CA LYS D 206 1.81 -24.65 -30.43
C LYS D 206 0.41 -25.20 -30.15
N GLU D 207 0.09 -25.28 -28.86
CA GLU D 207 -1.18 -25.77 -28.36
C GLU D 207 -2.28 -24.76 -28.70
N TYR D 208 -2.32 -23.64 -27.97
CA TYR D 208 -3.33 -22.62 -28.20
C TYR D 208 -2.68 -21.33 -28.69
N PRO D 209 -2.44 -21.24 -30.01
CA PRO D 209 -1.83 -20.16 -30.79
C PRO D 209 -2.31 -18.72 -30.63
N LYS D 210 -3.56 -18.53 -30.22
CA LYS D 210 -4.10 -17.20 -30.11
C LYS D 210 -3.94 -16.45 -28.79
N VAL D 211 -3.55 -17.14 -27.73
CA VAL D 211 -3.38 -16.46 -26.45
C VAL D 211 -2.27 -15.42 -26.60
N ARG D 212 -2.12 -14.58 -25.58
CA ARG D 212 -1.11 -13.55 -25.54
C ARG D 212 -0.26 -13.85 -24.31
N MET D 213 1.03 -13.54 -24.40
CA MET D 213 1.93 -13.78 -23.27
C MET D 213 2.86 -12.60 -23.05
N VAL D 214 2.86 -12.08 -21.83
CA VAL D 214 3.75 -10.98 -21.48
C VAL D 214 4.74 -11.48 -20.42
N THR D 215 6.00 -11.62 -20.83
CA THR D 215 7.02 -12.11 -19.92
C THR D 215 8.18 -11.12 -19.70
N ALA D 216 8.73 -11.18 -18.49
CA ALA D 216 9.81 -10.31 -18.09
C ALA D 216 11.14 -10.82 -18.61
N ALA D 217 11.21 -12.13 -18.81
CA ALA D 217 12.46 -12.71 -19.25
C ALA D 217 12.36 -14.18 -19.67
N VAL D 218 13.17 -14.55 -20.65
CA VAL D 218 13.21 -15.91 -21.15
C VAL D 218 14.65 -16.42 -21.08
N ASP D 219 14.88 -17.41 -20.22
CA ASP D 219 16.21 -17.96 -20.03
C ASP D 219 16.78 -18.72 -21.21
N ILE D 220 17.32 -19.91 -20.98
CA ILE D 220 17.87 -20.66 -22.09
C ILE D 220 17.49 -22.13 -22.12
N CYS D 221 17.36 -22.75 -20.96
CA CYS D 221 16.99 -24.17 -20.90
C CYS D 221 16.65 -24.62 -19.51
N LEU D 222 16.40 -25.92 -19.35
CA LEU D 222 16.07 -26.50 -18.05
C LEU D 222 17.16 -27.47 -17.68
N ASN D 223 17.16 -27.92 -16.43
CA ASN D 223 18.17 -28.87 -15.97
C ASN D 223 17.54 -30.24 -15.84
N SER D 224 18.29 -31.16 -15.23
CA SER D 224 17.84 -32.54 -15.00
C SER D 224 16.49 -32.57 -14.29
N ARG D 225 16.20 -31.54 -13.49
CA ARG D 225 14.96 -31.46 -12.73
C ARG D 225 13.91 -30.59 -13.39
N TYR D 226 14.07 -30.35 -14.67
CA TYR D 226 13.12 -29.52 -15.40
C TYR D 226 13.02 -28.08 -14.95
N TYR D 227 13.82 -27.67 -13.97
CA TYR D 227 13.80 -26.28 -13.51
C TYR D 227 14.51 -25.37 -14.53
N ILE D 228 14.07 -24.13 -14.63
CA ILE D 228 14.66 -23.14 -15.54
C ILE D 228 16.02 -22.82 -14.90
N VAL D 229 17.11 -23.05 -15.63
CA VAL D 229 18.44 -22.87 -15.08
C VAL D 229 19.00 -21.52 -14.69
N PRO D 230 19.14 -20.56 -15.63
CA PRO D 230 19.68 -19.39 -14.92
C PRO D 230 18.68 -19.27 -13.77
N GLY D 231 17.40 -19.30 -14.13
CA GLY D 231 16.31 -19.25 -13.17
C GLY D 231 16.39 -18.53 -11.84
N ILE D 232 15.47 -18.96 -10.97
CA ILE D 232 15.30 -18.41 -9.62
C ILE D 232 15.01 -19.53 -8.63
N GLY D 233 14.67 -20.70 -9.13
CA GLY D 233 14.36 -21.80 -8.26
C GLY D 233 12.86 -21.97 -8.10
N ASP D 234 12.40 -22.16 -6.88
CA ASP D 234 10.98 -22.32 -6.65
C ASP D 234 10.31 -20.99 -6.27
N PHE D 235 9.76 -20.29 -7.24
CA PHE D 235 9.13 -18.99 -6.96
C PHE D 235 8.09 -19.07 -5.84
N GLY D 236 7.38 -20.20 -5.73
CA GLY D 236 6.36 -20.30 -4.69
C GLY D 236 6.92 -20.33 -3.28
N ASP D 237 7.93 -21.17 -3.07
CA ASP D 237 8.55 -21.31 -1.77
C ASP D 237 9.35 -20.06 -1.42
N ARG D 238 9.98 -19.48 -2.42
CA ARG D 238 10.77 -18.28 -2.16
C ARG D 238 9.89 -17.09 -1.83
N TYR D 239 8.72 -17.02 -2.43
CA TYR D 239 7.85 -15.90 -2.16
C TYR D 239 7.10 -16.01 -0.83
N PHE D 240 6.44 -17.14 -0.62
CA PHE D 240 5.69 -17.34 0.60
C PHE D 240 6.55 -17.72 1.78
N GLY D 241 7.82 -17.99 1.53
CA GLY D 241 8.71 -18.38 2.62
C GLY D 241 8.70 -19.89 2.70
N THR D 242 7.82 -20.44 3.52
CA THR D 242 7.70 -21.89 3.67
C THR D 242 9.02 -22.64 3.46
P PO4 E . 21.87 6.86 3.01
O1 PO4 E . 21.93 6.88 4.51
O2 PO4 E . 21.53 5.48 2.54
O3 PO4 E . 23.19 7.27 2.46
O4 PO4 E . 20.82 7.81 2.55
MG MG F . 2.22 23.66 -5.72
N1 URA G . -0.66 25.34 -11.71
C2 URA G . -0.57 23.95 -11.83
O2 URA G . -0.65 23.19 -10.88
N3 URA G . -0.39 23.51 -13.12
C4 URA G . -0.29 24.29 -14.28
O4 URA G . -0.13 23.74 -15.37
C5 URA G . -0.39 25.74 -14.08
C6 URA G . -0.56 26.20 -12.82
C1 PRP H . 2.24 25.32 -9.94
C2 PRP H . 2.74 23.86 -10.20
C3 PRP H . 4.32 23.90 -10.22
C4 PRP H . 4.46 25.23 -10.99
C5 PRP H . 4.30 25.01 -12.52
O1 PRP H . 1.97 25.65 -8.43
O2 PRP H . 2.21 22.99 -9.18
O3 PRP H . 4.94 24.06 -8.86
O4 PRP H . 3.41 26.14 -10.47
O5 PRP H . 4.62 26.32 -13.15
P PRP H . 5.90 27.12 -13.15
O1P PRP H . 6.01 27.72 -11.71
O2P PRP H . 6.96 26.03 -13.52
O3P PRP H . 5.75 28.33 -14.32
PA PRP H . 0.49 26.33 -7.88
O1A PRP H . 0.72 27.81 -7.63
O2A PRP H . -0.59 26.10 -8.93
O3A PRP H . 0.29 26.00 -6.24
PB PRP H . 0.01 24.56 -5.38
O1B PRP H . 1.14 24.32 -4.41
O2B PRP H . -0.07 23.48 -6.40
O3B PRP H . -1.30 24.78 -4.67
P PO4 I . 6.03 22.36 20.10
O1 PO4 I . 5.16 21.83 21.17
O2 PO4 I . 5.78 21.59 18.86
O3 PO4 I . 7.44 22.21 20.49
O4 PO4 I . 5.71 23.79 19.87
P PO4 J . -16.44 15.68 0.73
O1 PO4 J . -15.01 15.68 1.10
O2 PO4 J . -16.80 14.35 0.12
O3 PO4 J . -17.27 15.89 1.96
O4 PO4 J . -16.72 16.78 -0.24
P PO4 K . 9.60 20.09 11.96
O1 PO4 K . 9.13 19.17 13.04
O2 PO4 K . 9.42 19.45 10.63
O3 PO4 K . 11.04 20.42 12.17
O4 PO4 K . 8.79 21.37 12.01
N1 URA L . 9.94 18.41 20.30
C2 URA L . 10.26 17.07 20.09
O2 URA L . 10.52 16.30 20.99
N3 URA L . 10.26 16.68 18.75
C4 URA L . 9.98 17.48 17.65
O4 URA L . 10.02 16.99 16.53
C5 URA L . 9.65 18.87 17.95
C6 URA L . 9.64 19.27 19.23
P PO4 M . -14.72 -20.45 0.54
O1 PO4 M . -15.39 -21.47 1.40
O2 PO4 M . -14.35 -21.06 -0.78
O3 PO4 M . -13.48 -19.98 1.22
O4 PO4 M . -15.65 -19.29 0.32
P PO4 N . -17.25 -23.93 9.03
O1 PO4 N . -17.87 -23.10 10.09
O2 PO4 N . -16.99 -23.09 7.82
O3 PO4 N . -18.16 -25.05 8.67
O4 PO4 N . -15.96 -24.50 9.52
P PO4 O . 12.10 -16.15 10.44
O1 PO4 O . 12.24 -16.79 11.78
O2 PO4 O . 10.69 -16.25 9.98
O3 PO4 O . 12.98 -16.84 9.47
O4 PO4 O . 12.50 -14.71 10.56
N1 URA P . -18.38 -19.61 5.01
C2 URA P . -18.93 -18.38 4.62
O2 URA P . -18.44 -17.68 3.76
N3 URA P . -20.08 -18.02 5.26
C4 URA P . -20.74 -18.75 6.26
O4 URA P . -21.77 -18.29 6.75
C5 URA P . -20.11 -20.03 6.65
C6 URA P . -18.98 -20.40 6.01
P PO4 Q . 5.75 -25.88 -15.42
O1 PO4 Q . 4.79 -26.98 -15.13
O2 PO4 Q . 5.89 -25.00 -14.21
O3 PO4 Q . 5.27 -25.06 -16.56
O4 PO4 Q . 7.07 -26.47 -15.75
P PO4 R . -14.98 -1.58 -14.52
O1 PO4 R . -14.15 -2.81 -14.76
O2 PO4 R . -14.43 -0.45 -15.37
O3 PO4 R . -16.40 -1.85 -14.91
O4 PO4 R . -14.91 -1.20 -13.07
N1 URA S . 8.35 -23.98 -11.37
C2 URA S . 9.13 -23.22 -10.48
O2 URA S . 8.68 -22.72 -9.46
N3 URA S . 10.45 -23.09 -10.84
C4 URA S . 11.08 -23.61 -11.98
O4 URA S . 12.27 -23.39 -12.16
C5 URA S . 10.21 -24.40 -12.86
C6 URA S . 8.90 -24.55 -12.52
#